data_1PX8
#
_entry.id   1PX8
#
_cell.length_a   92.719
_cell.length_b   92.719
_cell.length_c   241.296
_cell.angle_alpha   90.00
_cell.angle_beta   90.00
_cell.angle_gamma   90.00
#
_symmetry.space_group_name_H-M   'P 43 21 2'
#
loop_
_entity.id
_entity.type
_entity.pdbx_description
1 polymer Beta-xylosidase
2 non-polymer beta-D-xylopyranose
3 water water
#
_entity_poly.entity_id   1
_entity_poly.type   'polypeptide(L)'
_entity_poly.pdbx_seq_one_letter_code
;MIKVRVPDFSDKKFSDRWRYCVGTGRLGLALQKEYIETLKYVKENIDFKYIRGHGLLCDDVGIYREDVVGDEVKPFYNFT
YIDRIFDSFLEIGIRPFVEIGFMPKKLASGTQTVFYWEGNVTPPKDYEKWSDLVKAVLHHFISRYGIEEVLKWPFEIWNE
PNLKEFWKDADEKEYFKLYKVTAKAIKEVNENLKVGGPAICGGADYWIEDFLNFCYEENVPVDFVSRHAYTSKQGEYTPH
LIYQEIMPSEYMLNEFKTVREIIKNSHFPNLPFHITEYNTSYSPQNPVHDTPFNAAYIARILSEGGDYVDSFSYWTFSDV
FEERDVPRSQFHGGFGLVALNMIPKPTFYTFKFFNAMGEEMLYRDEHMLVTRRDDGSVALIAWNEVMDKTENPDEDYEVE
IPVRFRDVFIKRQLIDEEHGNPWGTWIHMGRPRYPSKEQVNTLREVAKPEIMTSQPVANDGYLNLKFKLGKNAVVLYELT
ERIDESSTYIGLDDSKINGY
;
_entity_poly.pdbx_strand_id   A,B
#
loop_
_chem_comp.id
_chem_comp.type
_chem_comp.name
_chem_comp.formula
XYP D-saccharide, beta linking beta-D-xylopyranose 'C5 H10 O5'
#
# COMPACT_ATOMS: atom_id res chain seq x y z
N MET A 1 -27.25 -2.35 44.01
CA MET A 1 -27.04 -2.64 42.56
C MET A 1 -28.04 -1.90 41.66
N ILE A 2 -28.35 -2.50 40.52
CA ILE A 2 -29.29 -1.93 39.56
C ILE A 2 -30.16 -3.04 38.99
N LYS A 3 -31.42 -3.10 39.43
CA LYS A 3 -32.33 -4.12 38.96
C LYS A 3 -33.17 -3.62 37.78
N VAL A 4 -33.44 -4.51 36.83
CA VAL A 4 -34.21 -4.18 35.65
C VAL A 4 -35.01 -5.40 35.19
N ARG A 5 -36.23 -5.17 34.73
CA ARG A 5 -37.06 -6.26 34.24
C ARG A 5 -37.42 -5.99 32.78
N VAL A 6 -36.55 -6.42 31.88
CA VAL A 6 -36.76 -6.22 30.46
C VAL A 6 -38.16 -6.71 30.03
N PRO A 7 -38.99 -5.79 29.53
CA PRO A 7 -40.35 -6.15 29.09
C PRO A 7 -40.35 -7.15 27.93
N ASP A 8 -41.33 -8.05 27.93
CA ASP A 8 -41.42 -9.05 26.88
C ASP A 8 -41.95 -8.56 25.54
N PHE A 9 -42.47 -7.33 25.53
CA PHE A 9 -43.02 -6.77 24.29
C PHE A 9 -42.21 -5.61 23.72
N SER A 10 -42.11 -5.58 22.39
CA SER A 10 -41.35 -4.56 21.69
C SER A 10 -42.10 -3.34 21.17
N ASP A 11 -41.73 -2.18 21.70
CA ASP A 11 -42.33 -0.93 21.29
C ASP A 11 -41.47 -0.36 20.17
N LYS A 12 -40.31 0.17 20.55
CA LYS A 12 -39.37 0.75 19.61
C LYS A 12 -38.61 -0.33 18.83
N LYS A 13 -37.87 0.10 17.80
CA LYS A 13 -37.09 -0.82 16.99
C LYS A 13 -35.66 -0.29 16.90
N PHE A 14 -34.69 -1.19 16.85
CA PHE A 14 -33.28 -0.79 16.76
C PHE A 14 -32.78 -0.97 15.33
N SER A 15 -32.18 0.08 14.78
CA SER A 15 -31.67 0.02 13.41
C SER A 15 -30.17 -0.14 13.29
N ASP A 16 -29.72 -0.49 12.09
CA ASP A 16 -28.30 -0.67 11.83
C ASP A 16 -27.71 0.58 11.22
N ARG A 17 -28.22 1.73 11.65
CA ARG A 17 -27.72 3.01 11.16
C ARG A 17 -26.33 3.26 11.72
N TRP A 18 -26.04 2.64 12.86
CA TRP A 18 -24.73 2.81 13.48
C TRP A 18 -23.61 2.23 12.63
N ARG A 19 -23.94 1.33 11.72
CA ARG A 19 -22.90 0.73 10.87
C ARG A 19 -23.01 1.12 9.40
N TYR A 20 -23.71 2.20 9.13
CA TYR A 20 -23.88 2.69 7.75
C TYR A 20 -22.55 3.22 7.18
N CYS A 21 -21.75 3.86 8.03
CA CYS A 21 -20.50 4.46 7.57
C CYS A 21 -19.39 4.53 8.62
N VAL A 22 -18.14 4.61 8.15
CA VAL A 22 -16.96 4.73 9.01
C VAL A 22 -16.01 5.73 8.37
N GLY A 23 -15.22 6.40 9.20
CA GLY A 23 -14.27 7.36 8.68
C GLY A 23 -12.97 6.69 8.28
N THR A 24 -12.15 7.42 7.52
CA THR A 24 -10.85 6.92 7.05
C THR A 24 -9.88 8.07 6.82
N GLY A 25 -8.60 7.73 6.69
CA GLY A 25 -7.59 8.75 6.41
C GLY A 25 -7.73 9.10 4.95
N ARG A 26 -7.03 10.12 4.47
CA ARG A 26 -7.15 10.52 3.06
C ARG A 26 -7.12 9.33 2.12
N LEU A 27 -7.92 9.40 1.05
CA LEU A 27 -8.01 8.31 0.08
C LEU A 27 -6.67 7.85 -0.46
N GLY A 28 -5.65 8.70 -0.43
CA GLY A 28 -4.35 8.29 -0.94
C GLY A 28 -3.75 7.16 -0.14
N LEU A 29 -4.00 7.20 1.16
CA LEU A 29 -3.47 6.19 2.06
C LEU A 29 -4.14 4.84 1.83
N ALA A 30 -5.23 4.83 1.07
CA ALA A 30 -5.91 3.59 0.78
C ALA A 30 -5.11 2.78 -0.22
N LEU A 31 -3.98 3.33 -0.67
CA LEU A 31 -3.12 2.63 -1.61
C LEU A 31 -2.18 1.74 -0.83
N GLN A 32 -2.03 2.05 0.45
CA GLN A 32 -1.14 1.28 1.33
C GLN A 32 -1.64 -0.14 1.62
N LYS A 33 -0.71 -1.09 1.59
CA LYS A 33 -1.03 -2.47 1.88
C LYS A 33 -1.63 -2.57 3.27
N GLU A 34 -0.99 -1.91 4.23
CA GLU A 34 -1.46 -1.89 5.60
C GLU A 34 -2.92 -1.45 5.69
N TYR A 35 -3.26 -0.43 4.91
CA TYR A 35 -4.60 0.13 4.91
C TYR A 35 -5.63 -0.91 4.50
N ILE A 36 -5.42 -1.53 3.35
CA ILE A 36 -6.34 -2.51 2.84
C ILE A 36 -6.45 -3.78 3.67
N GLU A 37 -5.35 -4.26 4.25
CA GLU A 37 -5.44 -5.44 5.09
C GLU A 37 -6.43 -5.12 6.20
N THR A 38 -6.26 -3.94 6.78
CA THR A 38 -7.09 -3.51 7.89
C THR A 38 -8.54 -3.32 7.49
N LEU A 39 -8.76 -2.78 6.29
CA LEU A 39 -10.13 -2.57 5.84
C LEU A 39 -10.79 -3.94 5.72
N LYS A 40 -10.12 -4.88 5.07
CA LYS A 40 -10.67 -6.24 4.93
C LYS A 40 -10.94 -6.78 6.32
N TYR A 41 -9.91 -6.78 7.16
CA TYR A 41 -10.05 -7.28 8.52
C TYR A 41 -11.31 -6.71 9.15
N VAL A 42 -11.44 -5.39 9.14
CA VAL A 42 -12.57 -4.73 9.75
C VAL A 42 -13.91 -5.10 9.12
N LYS A 43 -13.94 -5.24 7.80
CA LYS A 43 -15.17 -5.60 7.11
C LYS A 43 -15.63 -7.01 7.41
N GLU A 44 -14.70 -7.87 7.81
CA GLU A 44 -15.07 -9.25 8.13
C GLU A 44 -15.73 -9.31 9.50
N ASN A 45 -15.60 -8.23 10.26
CA ASN A 45 -16.18 -8.16 11.59
C ASN A 45 -17.35 -7.19 11.73
N ILE A 46 -17.32 -6.11 10.97
CA ILE A 46 -18.38 -5.12 11.03
C ILE A 46 -18.76 -4.81 9.60
N ASP A 47 -20.04 -4.95 9.27
CA ASP A 47 -20.49 -4.70 7.91
C ASP A 47 -20.82 -3.25 7.55
N PHE A 48 -19.81 -2.38 7.59
CA PHE A 48 -20.01 -0.96 7.26
C PHE A 48 -20.37 -0.88 5.79
N LYS A 49 -21.32 0.00 5.47
CA LYS A 49 -21.80 0.17 4.10
C LYS A 49 -20.98 1.17 3.30
N TYR A 50 -20.56 2.25 3.96
CA TYR A 50 -19.79 3.27 3.30
C TYR A 50 -18.55 3.68 4.08
N ILE A 51 -17.63 4.35 3.40
CA ILE A 51 -16.40 4.81 4.00
C ILE A 51 -16.18 6.28 3.55
N ARG A 52 -15.97 7.16 4.53
CA ARG A 52 -15.81 8.59 4.27
C ARG A 52 -14.45 9.15 4.65
N GLY A 53 -13.78 9.77 3.68
CA GLY A 53 -12.47 10.37 3.94
C GLY A 53 -12.23 11.55 3.01
N HIS A 54 -11.19 12.34 3.31
CA HIS A 54 -10.84 13.51 2.49
C HIS A 54 -9.87 13.13 1.40
N GLY A 55 -9.45 14.14 0.64
CA GLY A 55 -8.44 13.95 -0.38
C GLY A 55 -8.76 13.38 -1.74
N LEU A 56 -10.01 13.16 -2.07
CA LEU A 56 -10.32 12.63 -3.39
C LEU A 56 -9.61 13.44 -4.49
N LEU A 57 -9.60 14.75 -4.34
CA LEU A 57 -9.00 15.64 -5.32
C LEU A 57 -7.59 16.13 -4.98
N CYS A 58 -6.99 15.66 -3.89
CA CYS A 58 -5.66 16.11 -3.57
C CYS A 58 -4.66 15.54 -4.56
N ASP A 59 -3.48 16.13 -4.60
CA ASP A 59 -2.51 15.73 -5.59
C ASP A 59 -1.81 14.39 -5.48
N ASP A 60 -1.82 13.77 -4.30
CA ASP A 60 -1.17 12.48 -4.17
C ASP A 60 -1.97 11.47 -4.98
N VAL A 61 -3.30 11.60 -4.97
CA VAL A 61 -4.16 10.72 -5.76
C VAL A 61 -3.97 11.14 -7.23
N GLY A 62 -3.54 12.39 -7.40
CA GLY A 62 -3.24 12.96 -8.70
C GLY A 62 -4.22 12.94 -9.85
N ILE A 63 -5.47 13.31 -9.60
CA ILE A 63 -6.45 13.31 -10.68
C ILE A 63 -6.27 14.49 -11.63
N TYR A 64 -6.14 15.69 -11.07
CA TYR A 64 -6.00 16.89 -11.89
C TYR A 64 -4.59 17.29 -12.34
N ARG A 65 -4.34 17.23 -13.64
CA ARG A 65 -3.06 17.60 -14.22
C ARG A 65 -3.27 18.57 -15.38
N GLU A 66 -2.18 19.14 -15.90
CA GLU A 66 -2.25 20.06 -17.02
C GLU A 66 -1.05 19.84 -17.93
N ASP A 67 -1.33 19.75 -19.23
CA ASP A 67 -0.27 19.54 -20.22
C ASP A 67 -0.05 20.80 -21.04
N VAL A 68 1.20 21.11 -21.32
CA VAL A 68 1.51 22.29 -22.12
C VAL A 68 2.00 21.88 -23.51
N VAL A 69 1.26 22.30 -24.52
CA VAL A 69 1.63 22.01 -25.91
C VAL A 69 1.81 23.36 -26.59
N GLY A 70 2.87 24.05 -26.18
CA GLY A 70 3.17 25.36 -26.72
C GLY A 70 2.58 26.46 -25.84
N ASP A 71 1.55 27.12 -26.35
CA ASP A 71 0.86 28.17 -25.62
C ASP A 71 -0.43 27.59 -25.09
N GLU A 72 -0.80 26.43 -25.63
CA GLU A 72 -2.02 25.74 -25.24
C GLU A 72 -1.85 24.98 -23.92
N VAL A 73 -2.77 25.23 -22.98
CA VAL A 73 -2.75 24.55 -21.69
C VAL A 73 -4.08 23.81 -21.48
N LYS A 74 -4.05 22.51 -21.76
CA LYS A 74 -5.22 21.64 -21.63
C LYS A 74 -5.15 20.85 -20.33
N PRO A 75 -6.29 20.66 -19.65
CA PRO A 75 -6.22 19.90 -18.40
C PRO A 75 -6.21 18.41 -18.72
N PHE A 76 -5.63 17.61 -17.83
CA PHE A 76 -5.58 16.15 -18.00
C PHE A 76 -6.05 15.49 -16.71
N TYR A 77 -7.04 14.60 -16.82
CA TYR A 77 -7.58 13.91 -15.65
C TYR A 77 -7.01 12.50 -15.57
N ASN A 78 -6.18 12.28 -14.55
CA ASN A 78 -5.55 10.98 -14.35
C ASN A 78 -6.32 10.15 -13.33
N PHE A 79 -6.81 9.00 -13.76
CA PHE A 79 -7.61 8.15 -12.90
C PHE A 79 -6.90 6.88 -12.44
N THR A 80 -5.60 6.80 -12.68
CA THR A 80 -4.88 5.59 -12.31
C THR A 80 -5.06 5.22 -10.85
N TYR A 81 -4.99 6.19 -9.96
CA TYR A 81 -5.13 5.91 -8.54
C TYR A 81 -6.56 5.73 -7.98
N ILE A 82 -7.49 6.65 -8.25
CA ILE A 82 -8.84 6.43 -7.69
C ILE A 82 -9.48 5.19 -8.25
N ASP A 83 -9.02 4.76 -9.42
CA ASP A 83 -9.57 3.53 -10.00
C ASP A 83 -9.16 2.39 -9.07
N ARG A 84 -7.85 2.27 -8.84
CA ARG A 84 -7.34 1.24 -7.96
C ARG A 84 -8.01 1.37 -6.59
N ILE A 85 -8.07 2.60 -6.08
CA ILE A 85 -8.69 2.85 -4.79
C ILE A 85 -10.15 2.44 -4.74
N PHE A 86 -10.97 2.99 -5.63
CA PHE A 86 -12.39 2.63 -5.60
C PHE A 86 -12.65 1.20 -5.99
N ASP A 87 -11.80 0.65 -6.85
CA ASP A 87 -11.93 -0.74 -7.26
C ASP A 87 -11.75 -1.60 -6.02
N SER A 88 -10.77 -1.25 -5.19
CA SER A 88 -10.49 -2.04 -4.00
C SER A 88 -11.53 -1.84 -2.91
N PHE A 89 -12.22 -0.71 -2.95
CA PHE A 89 -13.25 -0.45 -1.97
C PHE A 89 -14.45 -1.36 -2.27
N LEU A 90 -14.77 -1.48 -3.56
CA LEU A 90 -15.88 -2.30 -3.96
C LEU A 90 -15.57 -3.78 -3.84
N GLU A 91 -14.32 -4.14 -4.10
CA GLU A 91 -13.89 -5.53 -4.02
C GLU A 91 -14.18 -6.06 -2.63
N ILE A 92 -13.89 -5.24 -1.63
CA ILE A 92 -14.10 -5.58 -0.22
C ILE A 92 -15.58 -5.47 0.16
N GLY A 93 -16.37 -4.84 -0.68
CA GLY A 93 -17.79 -4.70 -0.39
C GLY A 93 -18.15 -3.49 0.45
N ILE A 94 -17.60 -2.34 0.08
CA ILE A 94 -17.87 -1.10 0.80
C ILE A 94 -17.94 0.03 -0.21
N ARG A 95 -18.97 0.86 -0.09
CA ARG A 95 -19.18 1.98 -0.99
C ARG A 95 -18.51 3.25 -0.47
N PRO A 96 -18.10 4.13 -1.37
CA PRO A 96 -17.46 5.38 -0.93
C PRO A 96 -18.50 6.47 -0.68
N PHE A 97 -18.41 7.13 0.47
CA PHE A 97 -19.29 8.25 0.82
C PHE A 97 -18.42 9.42 0.39
N VAL A 98 -18.36 9.63 -0.92
CA VAL A 98 -17.52 10.66 -1.53
C VAL A 98 -17.58 12.04 -0.91
N GLU A 99 -16.40 12.64 -0.76
CA GLU A 99 -16.28 13.98 -0.20
C GLU A 99 -15.41 14.78 -1.15
N ILE A 100 -16.05 15.60 -2.00
CA ILE A 100 -15.33 16.42 -2.98
C ILE A 100 -14.42 17.44 -2.31
N GLY A 101 -13.15 17.40 -2.70
CA GLY A 101 -12.15 18.28 -2.14
C GLY A 101 -10.93 17.44 -1.82
N PHE A 102 -9.81 18.05 -1.46
CA PHE A 102 -9.72 19.50 -1.40
C PHE A 102 -9.40 20.10 -2.77
N MET A 103 -8.69 21.23 -2.78
CA MET A 103 -8.37 21.91 -4.03
C MET A 103 -7.03 21.56 -4.62
N PRO A 104 -7.02 20.99 -5.84
CA PRO A 104 -5.77 20.62 -6.51
C PRO A 104 -4.84 21.83 -6.64
N LYS A 105 -3.54 21.59 -6.70
CA LYS A 105 -2.56 22.67 -6.81
C LYS A 105 -2.67 23.53 -8.07
N LYS A 106 -2.71 22.91 -9.25
CA LYS A 106 -2.80 23.67 -10.49
C LYS A 106 -4.16 24.36 -10.73
N LEU A 107 -5.00 24.37 -9.70
CA LEU A 107 -6.32 25.01 -9.78
C LEU A 107 -6.55 26.01 -8.64
N ALA A 108 -5.75 25.90 -7.59
CA ALA A 108 -5.88 26.77 -6.42
C ALA A 108 -5.72 28.26 -6.73
N SER A 109 -6.25 29.10 -5.85
CA SER A 109 -6.17 30.54 -6.02
C SER A 109 -5.21 31.11 -4.97
N GLY A 110 -5.00 30.36 -3.91
CA GLY A 110 -4.10 30.81 -2.84
C GLY A 110 -3.02 29.78 -2.58
N THR A 111 -2.41 29.85 -1.40
CA THR A 111 -1.35 28.91 -1.05
C THR A 111 -1.58 28.27 0.31
N GLN A 112 -2.65 28.67 0.97
CA GLN A 112 -2.95 28.13 2.30
C GLN A 112 -3.26 26.65 2.20
N THR A 113 -2.58 25.86 3.02
CA THR A 113 -2.83 24.42 3.02
C THR A 113 -3.17 23.98 4.43
N VAL A 114 -3.58 22.72 4.56
CA VAL A 114 -3.94 22.18 5.87
C VAL A 114 -3.30 20.80 6.02
N PHE A 115 -3.07 20.40 7.27
CA PHE A 115 -2.48 19.10 7.60
C PHE A 115 -1.02 18.94 7.16
N TYR A 116 -0.42 17.85 7.64
CA TYR A 116 0.96 17.52 7.32
C TYR A 116 1.11 17.26 5.83
N TRP A 117 0.08 16.71 5.19
CA TRP A 117 0.15 16.43 3.77
C TRP A 117 -0.21 17.63 2.89
N GLU A 118 -0.49 18.75 3.54
CA GLU A 118 -0.78 20.01 2.84
C GLU A 118 -1.83 20.02 1.73
N GLY A 119 -3.09 19.91 2.11
CA GLY A 119 -4.13 19.96 1.09
C GLY A 119 -4.48 21.44 0.89
N ASN A 120 -4.60 21.87 -0.36
CA ASN A 120 -4.92 23.27 -0.61
C ASN A 120 -6.34 23.59 -0.18
N VAL A 121 -6.45 24.62 0.63
CA VAL A 121 -7.70 25.06 1.21
C VAL A 121 -8.30 26.33 0.59
N THR A 122 -7.77 26.74 -0.57
CA THR A 122 -8.28 27.94 -1.25
C THR A 122 -9.23 27.55 -2.38
N PRO A 123 -10.15 28.46 -2.78
CA PRO A 123 -11.10 28.17 -3.86
C PRO A 123 -10.45 28.18 -5.23
N PRO A 124 -11.14 27.64 -6.24
CA PRO A 124 -10.56 27.61 -7.58
C PRO A 124 -10.35 29.01 -8.16
N LYS A 125 -9.26 29.16 -8.89
CA LYS A 125 -8.92 30.42 -9.53
C LYS A 125 -9.84 30.56 -10.75
N ASP A 126 -10.64 29.52 -11.01
CA ASP A 126 -11.54 29.49 -12.15
C ASP A 126 -12.57 28.38 -11.93
N TYR A 127 -13.75 28.74 -11.44
CA TYR A 127 -14.82 27.77 -11.19
C TYR A 127 -15.23 26.99 -12.43
N GLU A 128 -14.95 27.55 -13.59
CA GLU A 128 -15.28 26.90 -14.84
C GLU A 128 -14.46 25.62 -14.95
N LYS A 129 -13.15 25.76 -14.71
CA LYS A 129 -12.23 24.62 -14.78
C LYS A 129 -12.58 23.57 -13.71
N TRP A 130 -12.98 24.04 -12.53
CA TRP A 130 -13.37 23.19 -11.42
C TRP A 130 -14.62 22.37 -11.76
N SER A 131 -15.59 23.04 -12.38
CA SER A 131 -16.84 22.39 -12.77
C SER A 131 -16.56 21.26 -13.77
N ASP A 132 -15.63 21.49 -14.70
CA ASP A 132 -15.30 20.47 -15.69
C ASP A 132 -14.56 19.32 -15.01
N LEU A 133 -13.81 19.66 -13.96
CA LEU A 133 -13.06 18.66 -13.19
C LEU A 133 -14.08 17.70 -12.57
N VAL A 134 -15.00 18.25 -11.79
CA VAL A 134 -16.04 17.46 -11.15
C VAL A 134 -16.80 16.59 -12.13
N LYS A 135 -17.24 17.18 -13.24
CA LYS A 135 -17.99 16.43 -14.24
C LYS A 135 -17.18 15.30 -14.88
N ALA A 136 -15.89 15.54 -15.09
CA ALA A 136 -15.03 14.55 -15.72
C ALA A 136 -14.85 13.33 -14.81
N VAL A 137 -14.81 13.57 -13.52
CA VAL A 137 -14.65 12.50 -12.53
C VAL A 137 -15.93 11.65 -12.47
N LEU A 138 -17.08 12.30 -12.30
CA LEU A 138 -18.34 11.58 -12.24
C LEU A 138 -18.56 10.77 -13.51
N HIS A 139 -18.27 11.35 -14.66
CA HIS A 139 -18.45 10.62 -15.92
C HIS A 139 -17.56 9.39 -15.93
N HIS A 140 -16.34 9.55 -15.44
CA HIS A 140 -15.43 8.43 -15.40
C HIS A 140 -15.95 7.33 -14.45
N PHE A 141 -16.39 7.72 -13.27
CA PHE A 141 -16.94 6.76 -12.32
C PHE A 141 -18.08 6.00 -13.03
N ILE A 142 -19.00 6.76 -13.63
CA ILE A 142 -20.13 6.17 -14.34
C ILE A 142 -19.63 5.20 -15.39
N SER A 143 -18.57 5.62 -16.06
CA SER A 143 -17.98 4.85 -17.13
C SER A 143 -17.40 3.49 -16.71
N ARG A 144 -16.72 3.45 -15.59
CA ARG A 144 -16.10 2.22 -15.10
C ARG A 144 -17.00 1.39 -14.19
N TYR A 145 -17.74 2.07 -13.32
CA TYR A 145 -18.59 1.36 -12.37
C TYR A 145 -20.08 1.23 -12.72
N GLY A 146 -20.51 1.88 -13.80
CA GLY A 146 -21.90 1.82 -14.17
C GLY A 146 -22.73 2.83 -13.39
N ILE A 147 -23.76 3.38 -14.03
CA ILE A 147 -24.60 4.38 -13.38
C ILE A 147 -25.38 3.83 -12.17
N GLU A 148 -25.77 2.56 -12.23
CA GLU A 148 -26.51 1.96 -11.12
C GLU A 148 -25.70 1.99 -9.83
N GLU A 149 -24.39 1.80 -9.95
CA GLU A 149 -23.46 1.80 -8.81
C GLU A 149 -23.26 3.20 -8.26
N VAL A 150 -22.70 4.07 -9.10
CA VAL A 150 -22.40 5.44 -8.72
C VAL A 150 -23.59 6.11 -8.09
N LEU A 151 -24.78 5.81 -8.60
CA LEU A 151 -26.03 6.37 -8.09
C LEU A 151 -26.24 6.12 -6.61
N LYS A 152 -25.47 5.19 -6.04
CA LYS A 152 -25.61 4.87 -4.63
C LYS A 152 -24.60 5.62 -3.76
N TRP A 153 -23.65 6.32 -4.39
CA TRP A 153 -22.64 7.08 -3.65
C TRP A 153 -23.06 8.52 -3.39
N PRO A 154 -23.20 8.90 -2.14
CA PRO A 154 -23.58 10.28 -1.84
C PRO A 154 -22.36 11.18 -2.03
N PHE A 155 -22.57 12.46 -2.31
CA PHE A 155 -21.44 13.38 -2.50
C PHE A 155 -21.49 14.57 -1.55
N GLU A 156 -20.59 14.58 -0.57
CA GLU A 156 -20.48 15.65 0.41
C GLU A 156 -19.53 16.71 -0.14
N ILE A 157 -19.93 17.98 -0.13
CA ILE A 157 -19.07 19.03 -0.67
C ILE A 157 -18.17 19.69 0.35
N TRP A 158 -16.87 19.47 0.19
CA TRP A 158 -15.84 20.03 1.07
C TRP A 158 -15.83 19.48 2.48
N ASN A 159 -15.07 20.13 3.36
CA ASN A 159 -14.96 19.71 4.75
C ASN A 159 -14.88 20.92 5.68
N GLU A 160 -15.63 20.89 6.77
CA GLU A 160 -15.64 21.99 7.74
C GLU A 160 -15.30 23.36 7.15
N PRO A 161 -16.06 23.84 6.17
CA PRO A 161 -15.76 25.15 5.58
C PRO A 161 -15.98 26.29 6.58
N ASN A 162 -16.46 25.94 7.77
CA ASN A 162 -16.71 26.91 8.82
C ASN A 162 -15.42 27.21 9.59
N LEU A 163 -14.37 26.48 9.27
CA LEU A 163 -13.09 26.69 9.94
C LEU A 163 -12.11 27.33 8.97
N LYS A 164 -11.36 28.30 9.47
CA LYS A 164 -10.38 29.03 8.67
C LYS A 164 -9.30 28.13 8.08
N GLU A 165 -9.06 26.99 8.75
CA GLU A 165 -8.04 26.03 8.34
C GLU A 165 -8.43 25.21 7.13
N PHE A 166 -9.72 24.92 6.99
CA PHE A 166 -10.20 24.13 5.87
C PHE A 166 -10.79 24.93 4.72
N TRP A 167 -11.14 26.17 4.98
CA TRP A 167 -11.71 27.03 3.94
C TRP A 167 -11.13 28.43 4.15
N LYS A 168 -10.59 29.03 3.09
CA LYS A 168 -9.99 30.36 3.22
C LYS A 168 -10.90 31.36 3.91
N ASP A 169 -10.42 31.84 5.06
CA ASP A 169 -11.14 32.81 5.88
C ASP A 169 -12.58 32.41 6.25
N ALA A 170 -12.87 31.11 6.18
CA ALA A 170 -14.20 30.62 6.50
C ALA A 170 -15.26 31.40 5.73
N ASP A 171 -14.93 31.78 4.50
CA ASP A 171 -15.86 32.54 3.68
C ASP A 171 -17.14 31.77 3.42
N GLU A 172 -18.12 31.96 4.28
CA GLU A 172 -19.40 31.30 4.15
C GLU A 172 -20.04 31.52 2.79
N LYS A 173 -20.06 32.77 2.34
CA LYS A 173 -20.66 33.11 1.07
C LYS A 173 -19.91 32.45 -0.10
N GLU A 174 -18.60 32.28 0.04
CA GLU A 174 -17.82 31.65 -1.02
C GLU A 174 -18.12 30.16 -1.04
N TYR A 175 -18.29 29.58 0.15
CA TYR A 175 -18.57 28.15 0.24
C TYR A 175 -19.85 27.82 -0.52
N PHE A 176 -20.87 28.63 -0.29
CA PHE A 176 -22.16 28.43 -0.95
C PHE A 176 -22.01 28.53 -2.45
N LYS A 177 -21.05 29.34 -2.90
CA LYS A 177 -20.81 29.48 -4.32
C LYS A 177 -20.15 28.18 -4.80
N LEU A 178 -19.28 27.62 -3.97
CA LEU A 178 -18.60 26.39 -4.31
C LEU A 178 -19.67 25.31 -4.38
N TYR A 179 -20.49 25.25 -3.33
CA TYR A 179 -21.56 24.28 -3.25
C TYR A 179 -22.44 24.29 -4.49
N LYS A 180 -22.84 25.49 -4.91
CA LYS A 180 -23.71 25.63 -6.08
C LYS A 180 -23.07 25.16 -7.39
N VAL A 181 -21.86 25.63 -7.68
CA VAL A 181 -21.17 25.23 -8.89
C VAL A 181 -20.97 23.72 -8.92
N THR A 182 -20.64 23.15 -7.77
CA THR A 182 -20.41 21.71 -7.70
C THR A 182 -21.73 20.95 -7.75
N ALA A 183 -22.71 21.37 -6.95
CA ALA A 183 -24.01 20.71 -6.93
C ALA A 183 -24.64 20.75 -8.32
N LYS A 184 -24.36 21.83 -9.06
CA LYS A 184 -24.89 21.98 -10.40
C LYS A 184 -24.16 21.04 -11.35
N ALA A 185 -22.83 21.05 -11.27
CA ALA A 185 -22.00 20.21 -12.11
C ALA A 185 -22.43 18.75 -11.98
N ILE A 186 -22.58 18.30 -10.74
CA ILE A 186 -22.99 16.91 -10.47
C ILE A 186 -24.35 16.57 -11.06
N LYS A 187 -25.34 17.38 -10.75
CA LYS A 187 -26.70 17.17 -11.23
C LYS A 187 -26.77 17.21 -12.76
N GLU A 188 -25.77 17.86 -13.37
CA GLU A 188 -25.71 17.94 -14.83
C GLU A 188 -25.47 16.55 -15.39
N VAL A 189 -24.53 15.84 -14.79
CA VAL A 189 -24.20 14.48 -15.20
C VAL A 189 -25.40 13.54 -15.05
N ASN A 190 -26.05 13.61 -13.89
CA ASN A 190 -27.24 12.80 -13.62
C ASN A 190 -28.00 13.46 -12.48
N GLU A 191 -29.24 13.84 -12.76
CA GLU A 191 -30.09 14.54 -11.81
C GLU A 191 -30.39 13.74 -10.53
N ASN A 192 -30.04 12.46 -10.53
CA ASN A 192 -30.32 11.61 -9.40
C ASN A 192 -29.19 11.42 -8.40
N LEU A 193 -28.00 11.89 -8.72
CA LEU A 193 -26.87 11.74 -7.81
C LEU A 193 -27.13 12.52 -6.52
N LYS A 194 -26.84 11.91 -5.38
CA LYS A 194 -27.06 12.55 -4.09
C LYS A 194 -25.94 13.51 -3.73
N VAL A 195 -26.30 14.73 -3.34
CA VAL A 195 -25.31 15.73 -2.98
C VAL A 195 -25.76 16.52 -1.75
N GLY A 196 -24.81 16.92 -0.92
CA GLY A 196 -25.17 17.67 0.28
C GLY A 196 -24.01 18.38 0.96
N GLY A 197 -24.30 18.97 2.12
CA GLY A 197 -23.30 19.70 2.89
C GLY A 197 -23.91 20.14 4.19
N PRO A 198 -23.35 21.15 4.88
CA PRO A 198 -22.17 21.96 4.58
C PRO A 198 -20.87 21.33 5.10
N ALA A 199 -21.00 20.21 5.80
CA ALA A 199 -19.86 19.48 6.36
C ALA A 199 -19.20 20.24 7.52
N ILE A 200 -19.94 21.15 8.14
CA ILE A 200 -19.41 21.93 9.26
C ILE A 200 -19.22 21.08 10.49
N CYS A 201 -18.63 21.66 11.54
CA CYS A 201 -18.43 20.94 12.79
C CYS A 201 -19.02 21.76 13.92
N GLY A 202 -19.41 21.08 14.99
CA GLY A 202 -20.02 21.72 16.15
C GLY A 202 -19.65 23.13 16.55
N GLY A 203 -20.66 23.99 16.73
CA GLY A 203 -20.43 25.37 17.13
C GLY A 203 -20.66 26.40 16.04
N ALA A 204 -21.50 26.06 15.06
CA ALA A 204 -21.78 26.99 13.97
C ALA A 204 -22.99 26.52 13.18
N ASP A 205 -23.98 25.97 13.89
CA ASP A 205 -25.18 25.48 13.24
C ASP A 205 -25.86 26.51 12.37
N TYR A 206 -25.60 27.79 12.64
CA TYR A 206 -26.20 28.85 11.84
C TYR A 206 -25.79 28.62 10.38
N TRP A 207 -24.68 27.91 10.20
CA TRP A 207 -24.17 27.58 8.87
C TRP A 207 -25.15 26.69 8.12
N ILE A 208 -25.77 25.77 8.85
CA ILE A 208 -26.72 24.85 8.27
C ILE A 208 -28.02 25.57 7.95
N GLU A 209 -28.35 26.56 8.77
CA GLU A 209 -29.56 27.33 8.56
C GLU A 209 -29.40 28.14 7.29
N ASP A 210 -28.26 28.81 7.18
CA ASP A 210 -27.97 29.62 6.01
C ASP A 210 -27.82 28.74 4.78
N PHE A 211 -27.21 27.57 4.98
CA PHE A 211 -26.99 26.63 3.89
C PHE A 211 -28.30 26.18 3.29
N LEU A 212 -29.30 25.95 4.13
CA LEU A 212 -30.61 25.51 3.67
C LEU A 212 -31.42 26.68 3.09
N ASN A 213 -31.27 27.86 3.67
CA ASN A 213 -31.98 29.03 3.15
C ASN A 213 -31.37 29.39 1.80
N PHE A 214 -30.04 29.32 1.74
CA PHE A 214 -29.31 29.62 0.52
C PHE A 214 -29.77 28.77 -0.65
N CYS A 215 -29.92 27.48 -0.43
CA CYS A 215 -30.34 26.56 -1.49
C CYS A 215 -31.77 26.80 -1.96
N TYR A 216 -32.66 27.04 -1.00
CA TYR A 216 -34.06 27.30 -1.30
C TYR A 216 -34.20 28.57 -2.14
N GLU A 217 -33.61 29.64 -1.63
CA GLU A 217 -33.64 30.95 -2.28
C GLU A 217 -32.88 31.06 -3.59
N GLU A 218 -31.75 30.36 -3.71
CA GLU A 218 -30.96 30.42 -4.93
C GLU A 218 -31.27 29.24 -5.83
N ASN A 219 -32.21 28.41 -5.38
CA ASN A 219 -32.63 27.23 -6.13
C ASN A 219 -31.49 26.25 -6.41
N VAL A 220 -30.78 25.89 -5.34
CA VAL A 220 -29.66 24.97 -5.45
C VAL A 220 -30.14 23.66 -4.84
N PRO A 221 -29.96 22.53 -5.54
CA PRO A 221 -30.39 21.22 -5.05
C PRO A 221 -29.62 20.69 -3.84
N VAL A 222 -30.36 20.14 -2.88
CA VAL A 222 -29.76 19.54 -1.69
C VAL A 222 -30.40 18.20 -1.50
N ASP A 223 -29.61 17.20 -1.12
CA ASP A 223 -30.13 15.86 -0.92
C ASP A 223 -29.88 15.36 0.49
N PHE A 224 -29.03 16.06 1.24
CA PHE A 224 -28.73 15.69 2.62
C PHE A 224 -27.86 16.72 3.33
N VAL A 225 -28.03 16.80 4.65
CA VAL A 225 -27.25 17.72 5.45
C VAL A 225 -26.08 16.93 6.04
N SER A 226 -24.97 17.60 6.27
CA SER A 226 -23.77 16.96 6.77
C SER A 226 -23.12 17.76 7.91
N ARG A 227 -22.70 17.07 8.95
CA ARG A 227 -22.04 17.73 10.08
C ARG A 227 -21.21 16.74 10.89
N HIS A 228 -20.29 17.27 11.70
CA HIS A 228 -19.42 16.45 12.53
C HIS A 228 -19.75 16.67 13.99
N ALA A 229 -19.30 15.77 14.85
CA ALA A 229 -19.59 15.90 16.28
C ALA A 229 -18.51 15.27 17.15
N TYR A 230 -17.98 16.06 18.08
CA TYR A 230 -16.96 15.59 19.00
C TYR A 230 -17.30 16.12 20.39
N THR A 231 -16.58 15.66 21.40
CA THR A 231 -16.86 16.10 22.77
C THR A 231 -15.61 16.41 23.61
N SER A 232 -14.51 16.76 22.95
CA SER A 232 -13.28 17.07 23.65
C SER A 232 -13.09 18.58 23.80
N LYS A 233 -12.85 19.03 25.03
CA LYS A 233 -12.66 20.44 25.29
C LYS A 233 -11.29 20.85 24.77
N GLN A 234 -10.91 22.10 25.03
CA GLN A 234 -9.62 22.62 24.61
C GLN A 234 -8.49 21.88 25.33
N GLY A 235 -7.35 21.76 24.65
CA GLY A 235 -6.21 21.10 25.24
C GLY A 235 -4.98 21.71 24.60
N GLU A 236 -3.82 21.53 25.20
CA GLU A 236 -2.59 22.09 24.63
C GLU A 236 -1.70 21.00 24.03
N TYR A 237 -1.32 21.18 22.77
CA TYR A 237 -0.48 20.22 22.08
C TYR A 237 0.94 20.13 22.60
N THR A 238 1.44 18.89 22.59
CA THR A 238 2.80 18.57 22.99
C THR A 238 3.43 18.25 21.64
N PRO A 239 4.75 18.29 21.54
CA PRO A 239 5.22 17.94 20.19
C PRO A 239 4.94 16.47 19.88
N HIS A 240 4.26 15.80 20.81
CA HIS A 240 3.91 14.38 20.67
C HIS A 240 2.42 14.05 20.79
N LEU A 241 1.73 14.70 21.71
CA LEU A 241 0.31 14.43 21.93
C LEU A 241 -0.49 15.55 22.61
N ILE A 242 -1.80 15.34 22.76
CA ILE A 242 -2.70 16.29 23.42
C ILE A 242 -3.64 15.53 24.33
N TYR A 243 -3.93 16.11 25.49
CA TYR A 243 -4.88 15.49 26.41
C TYR A 243 -6.04 16.44 26.51
N GLN A 244 -7.25 15.89 26.51
CA GLN A 244 -8.44 16.71 26.58
C GLN A 244 -9.50 16.05 27.44
N GLU A 245 -10.35 16.89 28.01
CA GLU A 245 -11.44 16.42 28.84
C GLU A 245 -12.53 15.99 27.86
N ILE A 246 -13.22 14.92 28.17
CA ILE A 246 -14.28 14.46 27.30
C ILE A 246 -15.61 14.71 27.98
N MET A 247 -16.41 15.59 27.38
CA MET A 247 -17.72 15.90 27.92
C MET A 247 -18.58 14.64 27.84
N PRO A 248 -19.51 14.45 28.80
CA PRO A 248 -20.36 13.25 28.76
C PRO A 248 -21.02 13.03 27.40
N SER A 249 -21.45 11.79 27.15
CA SER A 249 -22.06 11.46 25.87
C SER A 249 -23.36 12.22 25.60
N GLU A 250 -24.09 12.56 26.67
CA GLU A 250 -25.34 13.27 26.53
C GLU A 250 -25.26 14.47 25.60
N TYR A 251 -24.18 15.24 25.71
CA TYR A 251 -24.03 16.44 24.89
C TYR A 251 -23.86 16.19 23.41
N MET A 252 -23.46 14.98 23.02
CA MET A 252 -23.31 14.71 21.60
C MET A 252 -24.69 14.37 21.06
N LEU A 253 -25.43 13.57 21.82
CA LEU A 253 -26.77 13.18 21.42
C LEU A 253 -27.69 14.38 21.32
N ASN A 254 -27.37 15.44 22.06
CA ASN A 254 -28.19 16.64 22.00
C ASN A 254 -27.89 17.33 20.69
N GLU A 255 -26.62 17.39 20.32
CA GLU A 255 -26.23 18.03 19.07
C GLU A 255 -26.94 17.34 17.91
N PHE A 256 -27.10 16.03 18.00
CA PHE A 256 -27.78 15.27 16.96
C PHE A 256 -29.24 15.74 16.91
N LYS A 257 -29.90 15.63 18.05
CA LYS A 257 -31.30 16.02 18.23
C LYS A 257 -31.51 17.47 17.79
N THR A 258 -30.57 18.34 18.17
CA THR A 258 -30.64 19.75 17.82
C THR A 258 -30.67 19.98 16.31
N VAL A 259 -29.58 19.63 15.63
CA VAL A 259 -29.50 19.83 14.20
C VAL A 259 -30.65 19.15 13.47
N ARG A 260 -31.28 18.17 14.11
CA ARG A 260 -32.42 17.48 13.48
C ARG A 260 -33.55 18.50 13.34
N GLU A 261 -33.78 19.25 14.42
CA GLU A 261 -34.81 20.28 14.46
C GLU A 261 -34.58 21.35 13.41
N ILE A 262 -33.35 21.86 13.34
CA ILE A 262 -33.01 22.89 12.37
C ILE A 262 -33.38 22.43 10.97
N ILE A 263 -33.38 21.12 10.73
CA ILE A 263 -33.74 20.61 9.41
C ILE A 263 -35.25 20.50 9.20
N LYS A 264 -35.97 20.00 10.21
CA LYS A 264 -37.42 19.86 10.11
C LYS A 264 -38.14 21.21 10.12
N ASN A 265 -37.40 22.28 10.40
CA ASN A 265 -38.00 23.61 10.44
C ASN A 265 -37.54 24.46 9.26
N SER A 266 -36.77 23.84 8.37
CA SER A 266 -36.26 24.51 7.18
C SER A 266 -37.24 24.27 6.05
N HIS A 267 -36.83 24.66 4.84
CA HIS A 267 -37.65 24.48 3.65
C HIS A 267 -37.54 23.05 3.13
N PHE A 268 -36.62 22.28 3.72
CA PHE A 268 -36.41 20.89 3.34
C PHE A 268 -36.48 20.06 4.61
N PRO A 269 -37.65 19.98 5.25
CA PRO A 269 -37.87 19.23 6.49
C PRO A 269 -37.62 17.72 6.46
N ASN A 270 -37.57 17.12 5.26
CA ASN A 270 -37.35 15.69 5.18
C ASN A 270 -35.98 15.25 4.70
N LEU A 271 -35.04 16.19 4.58
CA LEU A 271 -33.72 15.83 4.12
C LEU A 271 -33.04 14.88 5.10
N PRO A 272 -32.36 13.85 4.56
CA PRO A 272 -31.67 12.91 5.45
C PRO A 272 -30.51 13.65 6.14
N PHE A 273 -30.11 13.17 7.31
CA PHE A 273 -29.05 13.81 8.10
C PHE A 273 -27.90 12.83 8.42
N HIS A 274 -26.70 13.17 7.96
CA HIS A 274 -25.52 12.33 8.16
C HIS A 274 -24.40 12.95 8.99
N ILE A 275 -24.07 12.33 10.12
CA ILE A 275 -22.97 12.80 10.95
C ILE A 275 -21.78 12.11 10.29
N THR A 276 -21.28 12.72 9.23
CA THR A 276 -20.17 12.16 8.48
C THR A 276 -18.85 12.06 9.23
N GLU A 277 -18.89 12.19 10.54
CA GLU A 277 -17.66 12.13 11.32
C GLU A 277 -17.88 12.38 12.81
N TYR A 278 -17.48 11.42 13.65
CA TYR A 278 -17.64 11.57 15.10
C TYR A 278 -16.68 10.70 15.93
N ASN A 279 -16.53 11.07 17.19
CA ASN A 279 -15.65 10.38 18.13
C ASN A 279 -15.56 11.24 19.41
N THR A 280 -14.73 10.84 20.36
CA THR A 280 -14.58 11.62 21.58
C THR A 280 -13.65 12.81 21.31
N SER A 281 -12.36 12.54 21.13
CA SER A 281 -11.41 13.60 20.85
C SER A 281 -11.32 13.85 19.35
N TYR A 282 -11.13 15.11 18.95
CA TYR A 282 -11.04 15.42 17.53
C TYR A 282 -9.56 15.47 17.07
N SER A 283 -8.68 14.94 17.91
CA SER A 283 -7.26 14.91 17.57
C SER A 283 -6.73 13.51 17.30
N PRO A 284 -5.88 13.35 16.27
CA PRO A 284 -5.32 12.05 15.95
C PRO A 284 -4.14 11.68 16.86
N GLN A 285 -4.05 12.34 18.01
CA GLN A 285 -2.98 12.07 18.96
C GLN A 285 -3.40 12.11 20.42
N ASN A 286 -4.66 11.79 20.70
CA ASN A 286 -5.14 11.78 22.08
C ASN A 286 -5.36 10.34 22.51
N PRO A 287 -4.49 9.80 23.37
CA PRO A 287 -4.61 8.42 23.86
C PRO A 287 -5.99 7.96 24.35
N VAL A 288 -6.96 8.86 24.42
CA VAL A 288 -8.28 8.45 24.88
C VAL A 288 -8.80 7.38 23.91
N HIS A 289 -8.49 7.55 22.63
CA HIS A 289 -8.92 6.64 21.58
C HIS A 289 -8.47 5.18 21.79
N ASP A 290 -7.32 5.00 22.44
CA ASP A 290 -6.77 3.66 22.68
C ASP A 290 -7.23 3.02 23.97
N THR A 291 -7.94 3.79 24.80
CA THR A 291 -8.36 3.28 26.09
C THR A 291 -9.68 2.56 26.11
N PRO A 292 -9.84 1.62 27.07
CA PRO A 292 -11.08 0.85 27.20
C PRO A 292 -12.22 1.80 27.57
N PHE A 293 -11.84 3.04 27.89
CA PHE A 293 -12.80 4.07 28.25
C PHE A 293 -13.55 4.50 26.99
N ASN A 294 -12.78 4.82 25.96
CA ASN A 294 -13.37 5.25 24.69
C ASN A 294 -14.43 4.26 24.21
N ALA A 295 -14.17 2.97 24.42
CA ALA A 295 -15.09 1.91 24.02
C ALA A 295 -16.41 1.95 24.79
N ALA A 296 -16.33 2.14 26.11
CA ALA A 296 -17.52 2.20 26.94
C ALA A 296 -18.28 3.51 26.69
N TYR A 297 -17.54 4.57 26.40
CA TYR A 297 -18.16 5.86 26.12
C TYR A 297 -18.98 5.78 24.82
N ILE A 298 -18.35 5.34 23.71
CA ILE A 298 -19.06 5.24 22.43
C ILE A 298 -20.22 4.24 22.46
N ALA A 299 -20.11 3.26 23.34
CA ALA A 299 -21.16 2.26 23.45
C ALA A 299 -22.54 2.93 23.48
N ARG A 300 -22.68 4.00 24.26
CA ARG A 300 -23.95 4.68 24.35
C ARG A 300 -24.38 5.32 23.05
N ILE A 301 -23.45 5.99 22.39
CA ILE A 301 -23.74 6.65 21.13
C ILE A 301 -24.24 5.68 20.08
N LEU A 302 -23.70 4.46 20.08
CA LEU A 302 -24.15 3.46 19.12
C LEU A 302 -25.55 3.03 19.53
N SER A 303 -25.85 3.19 20.81
CA SER A 303 -27.14 2.80 21.35
C SER A 303 -28.27 3.76 21.01
N GLU A 304 -28.02 5.05 21.13
CA GLU A 304 -29.06 6.04 20.88
C GLU A 304 -28.90 6.88 19.61
N GLY A 305 -27.66 7.14 19.22
CA GLY A 305 -27.42 7.96 18.03
C GLY A 305 -28.35 7.78 16.85
N GLY A 306 -28.67 6.53 16.51
CA GLY A 306 -29.53 6.24 15.39
C GLY A 306 -30.95 6.75 15.50
N ASP A 307 -31.35 7.23 16.67
CA ASP A 307 -32.71 7.73 16.83
C ASP A 307 -32.88 9.09 16.19
N TYR A 308 -31.80 9.83 16.04
CA TYR A 308 -31.87 11.17 15.48
C TYR A 308 -31.21 11.39 14.13
N VAL A 309 -30.29 10.51 13.73
CA VAL A 309 -29.63 10.71 12.45
C VAL A 309 -29.77 9.50 11.52
N ASP A 310 -29.51 9.73 10.23
CA ASP A 310 -29.60 8.66 9.25
C ASP A 310 -28.35 7.80 9.26
N SER A 311 -27.26 8.35 9.79
CA SER A 311 -25.99 7.64 9.87
C SER A 311 -24.96 8.49 10.59
N PHE A 312 -24.08 7.83 11.31
CA PHE A 312 -23.02 8.55 12.01
C PHE A 312 -21.76 7.72 11.84
N SER A 313 -20.78 8.34 11.17
CA SER A 313 -19.53 7.67 10.86
C SER A 313 -18.40 7.87 11.86
N TYR A 314 -18.00 6.77 12.50
CA TYR A 314 -16.92 6.81 13.49
C TYR A 314 -15.60 7.12 12.82
N TRP A 315 -14.95 8.17 13.30
CA TRP A 315 -13.68 8.65 12.76
C TRP A 315 -12.54 8.17 13.66
N THR A 316 -11.77 7.15 13.26
CA THR A 316 -11.88 6.43 11.98
C THR A 316 -11.78 4.92 12.20
N PHE A 317 -11.71 4.15 11.11
CA PHE A 317 -11.64 2.70 11.25
C PHE A 317 -10.25 2.21 11.56
N SER A 318 -9.24 2.94 11.09
CA SER A 318 -7.85 2.57 11.27
C SER A 318 -6.93 3.70 11.67
N ASP A 319 -5.79 3.36 12.26
CA ASP A 319 -4.83 4.37 12.64
C ASP A 319 -3.97 4.74 11.44
N VAL A 320 -4.23 4.15 10.27
CA VAL A 320 -3.45 4.50 9.07
C VAL A 320 -3.90 5.92 8.79
N PHE A 321 -3.17 6.87 9.37
CA PHE A 321 -3.51 8.29 9.29
C PHE A 321 -2.25 9.15 9.17
N GLU A 322 -2.36 10.31 8.56
CA GLU A 322 -1.19 11.16 8.41
C GLU A 322 -1.40 12.66 8.64
N GLU A 323 -2.60 13.06 9.04
CA GLU A 323 -2.86 14.48 9.24
C GLU A 323 -1.80 15.18 10.08
N ARG A 324 -1.33 14.49 11.12
CA ARG A 324 -0.29 15.05 11.98
C ARG A 324 0.99 14.23 11.85
N ASP A 325 1.44 14.05 10.62
CA ASP A 325 2.64 13.28 10.31
C ASP A 325 2.41 11.79 10.58
N VAL A 326 3.39 10.96 10.21
CA VAL A 326 3.32 9.53 10.41
C VAL A 326 3.29 9.20 11.90
N PRO A 327 2.43 8.25 12.32
CA PRO A 327 2.39 7.91 13.74
C PRO A 327 3.80 7.59 14.21
N ARG A 328 4.03 7.68 15.51
CA ARG A 328 5.36 7.42 16.03
C ARG A 328 5.43 6.35 17.10
N SER A 329 4.36 5.58 17.24
CA SER A 329 4.33 4.51 18.23
C SER A 329 3.12 3.61 18.04
N GLN A 330 3.25 2.35 18.47
CA GLN A 330 2.17 1.37 18.37
C GLN A 330 0.88 2.04 18.79
N PHE A 331 0.90 2.70 19.94
CA PHE A 331 -0.29 3.42 20.41
C PHE A 331 0.08 4.89 20.53
N HIS A 332 -0.73 5.75 19.92
CA HIS A 332 -0.45 7.18 19.92
C HIS A 332 -1.70 8.06 19.94
N GLY A 333 -2.83 7.50 20.32
CA GLY A 333 -4.04 8.29 20.35
C GLY A 333 -4.65 8.51 18.97
N GLY A 334 -4.39 7.59 18.05
CA GLY A 334 -4.96 7.71 16.71
C GLY A 334 -6.47 7.46 16.77
N PHE A 335 -7.19 7.96 15.77
CA PHE A 335 -8.65 7.80 15.70
C PHE A 335 -9.13 6.37 15.50
N GLY A 336 -8.41 5.62 14.68
CA GLY A 336 -8.79 4.25 14.37
C GLY A 336 -9.36 3.30 15.42
N LEU A 337 -10.30 2.47 14.98
CA LEU A 337 -10.91 1.44 15.83
C LEU A 337 -9.85 0.34 15.94
N VAL A 338 -8.94 0.31 14.96
CA VAL A 338 -7.87 -0.67 14.92
C VAL A 338 -6.52 0.03 14.83
N ALA A 339 -5.57 -0.40 15.66
CA ALA A 339 -4.24 0.18 15.68
C ALA A 339 -3.40 -0.49 14.60
N LEU A 340 -2.21 0.03 14.35
CA LEU A 340 -1.33 -0.54 13.34
C LEU A 340 -1.02 -2.01 13.66
N ASN A 341 -0.82 -2.82 12.61
CA ASN A 341 -0.55 -4.26 12.74
C ASN A 341 -1.85 -4.98 13.08
N MET A 342 -2.95 -4.37 12.66
CA MET A 342 -4.29 -4.90 12.87
C MET A 342 -4.59 -5.33 14.29
N ILE A 343 -4.25 -4.46 15.23
CA ILE A 343 -4.50 -4.76 16.63
C ILE A 343 -5.75 -3.99 17.03
N PRO A 344 -6.85 -4.72 17.20
CA PRO A 344 -8.10 -4.08 17.59
C PRO A 344 -8.07 -3.36 18.94
N LYS A 345 -8.47 -2.08 18.94
CA LYS A 345 -8.53 -1.31 20.17
C LYS A 345 -9.85 -1.70 20.81
N PRO A 346 -10.03 -1.40 22.10
CA PRO A 346 -11.32 -1.80 22.67
C PRO A 346 -12.57 -1.24 21.98
N THR A 347 -12.46 -0.03 21.41
CA THR A 347 -13.62 0.56 20.75
C THR A 347 -14.10 -0.34 19.62
N PHE A 348 -13.17 -1.08 19.03
CA PHE A 348 -13.48 -2.00 17.94
C PHE A 348 -14.48 -3.05 18.40
N TYR A 349 -14.31 -3.58 19.61
CA TYR A 349 -15.23 -4.60 20.08
C TYR A 349 -16.59 -4.07 20.51
N THR A 350 -16.68 -2.76 20.70
CA THR A 350 -17.97 -2.19 21.03
C THR A 350 -18.80 -2.37 19.75
N PHE A 351 -18.22 -1.95 18.63
CA PHE A 351 -18.90 -2.11 17.35
C PHE A 351 -19.19 -3.58 17.09
N LYS A 352 -18.20 -4.43 17.36
CA LYS A 352 -18.35 -5.88 17.15
C LYS A 352 -19.56 -6.39 17.92
N PHE A 353 -19.64 -6.02 19.19
CA PHE A 353 -20.75 -6.44 20.04
C PHE A 353 -22.11 -6.01 19.51
N PHE A 354 -22.19 -4.82 18.91
CA PHE A 354 -23.48 -4.36 18.41
C PHE A 354 -23.96 -5.16 17.20
N ASN A 355 -23.11 -6.03 16.66
CA ASN A 355 -23.51 -6.87 15.53
C ASN A 355 -24.51 -7.89 16.06
N ALA A 356 -24.49 -8.09 17.38
CA ALA A 356 -25.37 -9.04 18.05
C ALA A 356 -26.80 -8.54 18.22
N MET A 357 -26.98 -7.22 18.27
CA MET A 357 -28.30 -6.61 18.45
C MET A 357 -29.31 -6.99 17.37
N GLY A 358 -30.58 -6.98 17.74
CA GLY A 358 -31.65 -7.31 16.81
C GLY A 358 -32.60 -6.14 16.61
N GLU A 359 -33.59 -6.34 15.73
CA GLU A 359 -34.60 -5.33 15.39
C GLU A 359 -35.45 -4.91 16.60
N GLU A 360 -36.01 -5.90 17.30
CA GLU A 360 -36.86 -5.65 18.47
C GLU A 360 -36.11 -5.09 19.67
N MET A 361 -36.38 -3.83 20.01
CA MET A 361 -35.72 -3.23 21.17
C MET A 361 -36.64 -3.39 22.38
N LEU A 362 -36.23 -4.25 23.31
CA LEU A 362 -37.03 -4.50 24.50
C LEU A 362 -36.80 -3.51 25.62
N TYR A 363 -35.55 -3.16 25.86
CA TYR A 363 -35.24 -2.22 26.93
C TYR A 363 -34.01 -1.37 26.61
N ARG A 364 -33.93 -0.20 27.22
CA ARG A 364 -32.79 0.66 27.00
C ARG A 364 -32.73 1.82 27.98
N ASP A 365 -31.55 2.06 28.52
CA ASP A 365 -31.33 3.17 29.42
C ASP A 365 -29.93 3.68 29.15
N GLU A 366 -29.53 4.74 29.84
CA GLU A 366 -28.24 5.36 29.61
C GLU A 366 -27.00 4.46 29.61
N HIS A 367 -27.15 3.21 30.03
CA HIS A 367 -25.99 2.33 30.06
C HIS A 367 -26.27 0.89 29.64
N MET A 368 -27.44 0.64 29.05
CA MET A 368 -27.75 -0.72 28.65
C MET A 368 -28.74 -0.81 27.50
N LEU A 369 -28.52 -1.79 26.62
CA LEU A 369 -29.39 -2.01 25.48
C LEU A 369 -29.75 -3.50 25.44
N VAL A 370 -31.03 -3.80 25.30
CA VAL A 370 -31.46 -5.20 25.27
C VAL A 370 -32.41 -5.42 24.10
N THR A 371 -32.03 -6.34 23.20
CA THR A 371 -32.85 -6.61 22.04
C THR A 371 -33.08 -8.10 21.78
N ARG A 372 -33.96 -8.38 20.83
CA ARG A 372 -34.32 -9.74 20.45
C ARG A 372 -34.15 -9.95 18.95
N ARG A 373 -33.56 -11.06 18.56
CA ARG A 373 -33.33 -11.35 17.15
C ARG A 373 -34.53 -12.08 16.55
N ASP A 374 -34.47 -12.35 15.25
CA ASP A 374 -35.53 -13.06 14.55
C ASP A 374 -35.83 -14.41 15.14
N ASP A 375 -34.77 -15.16 15.48
CA ASP A 375 -34.93 -16.49 16.03
C ASP A 375 -35.55 -16.51 17.42
N GLY A 376 -35.71 -15.33 18.01
CA GLY A 376 -36.31 -15.26 19.33
C GLY A 376 -35.28 -15.18 20.44
N SER A 377 -33.99 -15.24 20.09
CA SER A 377 -32.93 -15.16 21.09
C SER A 377 -32.74 -13.70 21.52
N VAL A 378 -32.18 -13.50 22.70
CA VAL A 378 -31.97 -12.15 23.21
C VAL A 378 -30.52 -11.83 23.37
N ALA A 379 -30.19 -10.55 23.22
CA ALA A 379 -28.82 -10.09 23.36
C ALA A 379 -28.81 -8.84 24.22
N LEU A 380 -27.86 -8.73 25.12
CA LEU A 380 -27.79 -7.56 25.98
C LEU A 380 -26.39 -6.98 25.98
N ILE A 381 -26.31 -5.65 25.98
CA ILE A 381 -25.04 -4.94 26.02
C ILE A 381 -25.13 -3.88 27.12
N ALA A 382 -24.29 -4.03 28.14
CA ALA A 382 -24.25 -3.07 29.25
C ALA A 382 -22.88 -2.44 29.18
N TRP A 383 -22.74 -1.23 29.69
CA TRP A 383 -21.44 -0.58 29.67
C TRP A 383 -21.31 0.38 30.84
N ASN A 384 -20.12 0.44 31.42
CA ASN A 384 -19.87 1.30 32.56
C ASN A 384 -18.62 2.15 32.40
N GLU A 385 -18.73 3.25 31.65
CA GLU A 385 -17.59 4.13 31.46
C GLU A 385 -17.38 4.93 32.74
N VAL A 386 -16.14 5.33 32.98
CA VAL A 386 -15.80 6.12 34.16
C VAL A 386 -15.29 7.47 33.69
N MET A 387 -16.18 8.46 33.71
CA MET A 387 -15.88 9.82 33.26
C MET A 387 -14.95 10.59 34.20
N ASP A 388 -15.07 10.31 35.49
CA ASP A 388 -14.28 10.97 36.53
C ASP A 388 -13.31 9.99 37.19
N LYS A 389 -12.72 10.38 38.31
CA LYS A 389 -11.77 9.52 39.01
C LYS A 389 -12.38 9.01 40.33
N THR A 390 -13.36 8.12 40.21
CA THR A 390 -14.05 7.56 41.37
C THR A 390 -13.24 6.44 42.02
N GLU A 391 -13.47 6.20 43.31
CA GLU A 391 -12.77 5.14 44.03
C GLU A 391 -13.50 3.81 43.83
N ASN A 392 -14.79 3.90 43.56
CA ASN A 392 -15.63 2.72 43.32
C ASN A 392 -16.32 2.87 41.97
N PRO A 393 -15.64 2.45 40.90
CA PRO A 393 -16.18 2.52 39.54
C PRO A 393 -17.22 1.42 39.30
N ASP A 394 -17.04 0.30 39.99
CA ASP A 394 -17.95 -0.84 39.85
C ASP A 394 -19.43 -0.49 39.78
N GLU A 395 -20.20 -1.44 39.28
CA GLU A 395 -21.65 -1.28 39.14
C GLU A 395 -22.24 -2.68 38.99
N ASP A 396 -23.12 -3.07 39.91
CA ASP A 396 -23.75 -4.38 39.87
C ASP A 396 -25.09 -4.30 39.14
N TYR A 397 -25.50 -5.41 38.54
CA TYR A 397 -26.75 -5.43 37.82
C TYR A 397 -27.50 -6.71 38.16
N GLU A 398 -28.77 -6.73 37.81
CA GLU A 398 -29.62 -7.89 38.02
C GLU A 398 -30.78 -7.70 37.06
N VAL A 399 -30.59 -8.18 35.83
CA VAL A 399 -31.59 -8.03 34.79
C VAL A 399 -32.44 -9.28 34.58
N GLU A 400 -33.75 -9.08 34.45
CA GLU A 400 -34.67 -10.18 34.20
C GLU A 400 -35.02 -10.18 32.74
N ILE A 401 -34.43 -11.11 31.98
CA ILE A 401 -34.68 -11.18 30.55
C ILE A 401 -35.72 -12.24 30.21
N PRO A 402 -36.76 -11.85 29.46
CA PRO A 402 -37.83 -12.76 29.06
C PRO A 402 -37.30 -13.70 27.98
N VAL A 403 -37.68 -14.97 28.05
CA VAL A 403 -37.20 -15.94 27.10
C VAL A 403 -38.27 -16.97 26.72
N ARG A 404 -38.44 -17.18 25.42
CA ARG A 404 -39.42 -18.12 24.90
C ARG A 404 -38.95 -19.57 25.08
N PHE A 405 -37.82 -19.74 25.77
CA PHE A 405 -37.25 -21.07 26.03
C PHE A 405 -37.15 -21.33 27.52
N ARG A 406 -36.85 -22.58 27.87
CA ARG A 406 -36.72 -22.97 29.26
C ARG A 406 -35.25 -23.28 29.56
N ASP A 407 -34.57 -23.83 28.56
CA ASP A 407 -33.16 -24.16 28.69
C ASP A 407 -32.39 -23.10 27.92
N VAL A 408 -31.59 -22.31 28.62
CA VAL A 408 -30.86 -21.23 27.96
C VAL A 408 -29.34 -21.35 27.91
N PHE A 409 -28.78 -21.27 26.70
CA PHE A 409 -27.33 -21.31 26.53
C PHE A 409 -26.86 -19.87 26.57
N ILE A 410 -25.83 -19.59 27.36
CA ILE A 410 -25.33 -18.22 27.50
C ILE A 410 -23.91 -18.02 27.02
N LYS A 411 -23.73 -16.99 26.19
CA LYS A 411 -22.41 -16.65 25.67
C LYS A 411 -22.11 -15.23 26.11
N ARG A 412 -21.14 -15.08 26.98
CA ARG A 412 -20.79 -13.77 27.50
C ARG A 412 -19.43 -13.29 27.01
N GLN A 413 -19.37 -12.05 26.57
CA GLN A 413 -18.11 -11.48 26.11
C GLN A 413 -17.89 -10.21 26.90
N LEU A 414 -16.69 -10.05 27.45
CA LEU A 414 -16.39 -8.89 28.26
C LEU A 414 -15.17 -8.13 27.79
N ILE A 415 -15.28 -6.81 27.84
CA ILE A 415 -14.22 -5.89 27.43
C ILE A 415 -14.06 -4.83 28.52
N ASP A 416 -12.91 -4.80 29.17
CA ASP A 416 -12.69 -3.79 30.20
C ASP A 416 -11.22 -3.43 30.27
N GLU A 417 -10.76 -2.93 31.41
CA GLU A 417 -9.37 -2.52 31.55
C GLU A 417 -8.40 -3.69 31.73
N GLU A 418 -8.97 -4.86 32.01
CA GLU A 418 -8.18 -6.07 32.22
C GLU A 418 -8.32 -7.06 31.07
N HIS A 419 -9.31 -6.85 30.23
CA HIS A 419 -9.56 -7.74 29.10
C HIS A 419 -9.73 -6.95 27.82
N GLY A 420 -9.00 -7.35 26.78
CA GLY A 420 -9.10 -6.65 25.50
C GLY A 420 -8.49 -5.28 25.57
N ASN A 421 -7.50 -5.14 26.43
CA ASN A 421 -6.84 -3.86 26.63
C ASN A 421 -5.39 -3.88 26.15
N PRO A 422 -5.18 -4.04 24.84
CA PRO A 422 -3.81 -4.06 24.33
C PRO A 422 -3.01 -2.89 24.84
N TRP A 423 -3.62 -1.71 24.86
CA TRP A 423 -2.97 -0.49 25.36
C TRP A 423 -2.35 -0.73 26.75
N GLY A 424 -3.11 -1.38 27.63
CA GLY A 424 -2.60 -1.68 28.95
C GLY A 424 -1.32 -2.54 28.88
N THR A 425 -1.36 -3.59 28.06
CA THR A 425 -0.20 -4.47 27.92
C THR A 425 0.96 -3.71 27.28
N TRP A 426 0.63 -2.83 26.34
CA TRP A 426 1.64 -2.05 25.69
C TRP A 426 2.43 -1.32 26.77
N ILE A 427 1.71 -0.83 27.78
CA ILE A 427 2.32 -0.14 28.90
C ILE A 427 3.19 -1.13 29.65
N HIS A 428 2.63 -2.30 29.94
CA HIS A 428 3.39 -3.34 30.63
C HIS A 428 4.72 -3.55 29.93
N MET A 429 4.71 -3.61 28.60
CA MET A 429 5.93 -3.83 27.84
C MET A 429 6.89 -2.66 27.89
N GLY A 430 6.42 -1.53 28.39
CA GLY A 430 7.28 -0.35 28.46
C GLY A 430 7.07 0.58 27.28
N ARG A 431 5.82 0.63 26.81
CA ARG A 431 5.43 1.48 25.69
C ARG A 431 6.40 1.47 24.51
N PRO A 432 6.70 0.28 23.98
CA PRO A 432 7.62 0.26 22.85
C PRO A 432 7.04 1.04 21.67
N ARG A 433 7.86 1.88 21.05
CA ARG A 433 7.44 2.67 19.89
C ARG A 433 7.36 1.78 18.66
N TYR A 434 8.32 0.86 18.56
CA TYR A 434 8.42 -0.04 17.43
C TYR A 434 8.54 -1.47 17.93
N PRO A 435 7.46 -2.00 18.49
CA PRO A 435 7.46 -3.36 19.02
C PRO A 435 8.00 -4.38 18.05
N SER A 436 8.45 -5.51 18.59
CA SER A 436 9.00 -6.58 17.77
C SER A 436 7.86 -7.50 17.35
N LYS A 437 8.12 -8.37 16.40
CA LYS A 437 7.12 -9.30 15.92
C LYS A 437 6.41 -10.03 17.06
N GLU A 438 7.14 -10.39 18.11
CA GLU A 438 6.49 -11.10 19.20
C GLU A 438 5.70 -10.18 20.11
N GLN A 439 6.15 -8.94 20.25
CA GLN A 439 5.42 -8.00 21.09
C GLN A 439 4.08 -7.78 20.40
N VAL A 440 4.13 -7.63 19.08
CA VAL A 440 2.94 -7.43 18.30
C VAL A 440 2.02 -8.64 18.45
N ASN A 441 2.59 -9.84 18.45
CA ASN A 441 1.79 -11.04 18.61
C ASN A 441 1.12 -11.10 19.99
N THR A 442 1.86 -10.78 21.04
CA THR A 442 1.28 -10.81 22.38
C THR A 442 0.10 -9.83 22.39
N LEU A 443 0.32 -8.64 21.85
CA LEU A 443 -0.75 -7.65 21.78
C LEU A 443 -1.98 -8.24 21.08
N ARG A 444 -1.78 -8.81 19.91
CA ARG A 444 -2.89 -9.39 19.16
C ARG A 444 -3.61 -10.44 19.98
N GLU A 445 -2.85 -11.18 20.79
CA GLU A 445 -3.42 -12.23 21.65
C GLU A 445 -4.22 -11.64 22.79
N VAL A 446 -3.77 -10.50 23.31
CA VAL A 446 -4.45 -9.80 24.39
C VAL A 446 -5.68 -9.05 23.85
N ALA A 447 -5.55 -8.52 22.64
CA ALA A 447 -6.62 -7.75 22.00
C ALA A 447 -7.85 -8.55 21.57
N LYS A 448 -8.40 -9.32 22.49
CA LYS A 448 -9.59 -10.10 22.21
C LYS A 448 -10.42 -10.04 23.48
N PRO A 449 -11.76 -9.98 23.34
CA PRO A 449 -12.59 -9.93 24.55
C PRO A 449 -12.59 -11.27 25.28
N GLU A 450 -12.96 -11.25 26.56
CA GLU A 450 -13.03 -12.46 27.37
C GLU A 450 -14.37 -13.11 27.08
N ILE A 451 -14.37 -14.43 26.86
CA ILE A 451 -15.62 -15.13 26.59
C ILE A 451 -15.92 -16.17 27.65
N MET A 452 -17.17 -16.18 28.12
CA MET A 452 -17.57 -17.15 29.11
C MET A 452 -18.91 -17.73 28.72
N THR A 453 -18.97 -19.05 28.64
CA THR A 453 -20.23 -19.69 28.32
C THR A 453 -20.74 -20.20 29.65
N SER A 454 -22.02 -20.58 29.65
CA SER A 454 -22.65 -21.10 30.84
C SER A 454 -23.98 -21.64 30.38
N GLN A 455 -24.75 -22.15 31.32
CA GLN A 455 -26.04 -22.72 30.96
C GLN A 455 -27.03 -22.80 32.11
N PRO A 456 -27.99 -21.88 32.15
CA PRO A 456 -29.03 -21.84 33.19
C PRO A 456 -30.41 -22.16 32.61
N VAL A 457 -31.42 -22.17 33.47
CA VAL A 457 -32.78 -22.45 33.04
C VAL A 457 -33.67 -21.27 33.39
N ALA A 458 -34.53 -20.89 32.45
CA ALA A 458 -35.44 -19.78 32.65
C ALA A 458 -36.72 -20.28 33.30
N ASN A 459 -37.05 -19.71 34.46
CA ASN A 459 -38.26 -20.11 35.15
C ASN A 459 -39.29 -19.01 35.04
N ASP A 460 -40.53 -19.40 34.77
CA ASP A 460 -41.63 -18.46 34.64
C ASP A 460 -41.44 -17.58 33.41
N GLY A 461 -40.63 -18.07 32.47
CA GLY A 461 -40.37 -17.34 31.24
C GLY A 461 -39.25 -16.33 31.29
N TYR A 462 -38.66 -16.09 32.46
CA TYR A 462 -37.57 -15.13 32.58
C TYR A 462 -36.28 -15.75 33.12
N LEU A 463 -35.17 -15.25 32.62
CA LEU A 463 -33.87 -15.72 33.07
C LEU A 463 -33.29 -14.54 33.83
N ASN A 464 -32.78 -14.79 35.02
CA ASN A 464 -32.23 -13.72 35.82
C ASN A 464 -30.72 -13.66 35.71
N LEU A 465 -30.20 -12.55 35.22
CA LEU A 465 -28.76 -12.36 35.06
C LEU A 465 -28.22 -11.43 36.14
N LYS A 466 -27.15 -11.86 36.80
CA LYS A 466 -26.49 -11.05 37.83
C LYS A 466 -25.05 -10.87 37.37
N PHE A 467 -24.55 -9.64 37.41
CA PHE A 467 -23.17 -9.42 36.98
C PHE A 467 -22.61 -8.07 37.38
N LYS A 468 -21.28 -7.98 37.45
CA LYS A 468 -20.61 -6.74 37.84
C LYS A 468 -19.80 -6.16 36.69
N LEU A 469 -19.90 -4.86 36.49
CA LEU A 469 -19.15 -4.17 35.44
C LEU A 469 -17.99 -3.42 36.08
N GLY A 470 -16.77 -3.76 35.69
CA GLY A 470 -15.61 -3.08 36.23
C GLY A 470 -15.49 -1.71 35.60
N LYS A 471 -14.35 -1.06 35.81
CA LYS A 471 -14.10 0.26 35.26
C LYS A 471 -14.14 0.23 33.73
N ASN A 472 -14.91 1.14 33.12
CA ASN A 472 -15.00 1.21 31.66
C ASN A 472 -15.33 -0.11 30.98
N ALA A 473 -15.90 -1.04 31.73
CA ALA A 473 -16.24 -2.33 31.16
C ALA A 473 -17.38 -2.23 30.17
N VAL A 474 -17.49 -3.24 29.32
CA VAL A 474 -18.56 -3.35 28.32
C VAL A 474 -18.78 -4.85 28.15
N VAL A 475 -20.00 -5.31 28.40
CA VAL A 475 -20.29 -6.72 28.27
C VAL A 475 -21.45 -6.97 27.34
N LEU A 476 -21.46 -8.17 26.75
CA LEU A 476 -22.50 -8.59 25.81
C LEU A 476 -22.93 -9.99 26.21
N TYR A 477 -24.23 -10.21 26.30
CA TYR A 477 -24.79 -11.52 26.63
C TYR A 477 -25.70 -11.95 25.51
N GLU A 478 -25.52 -13.16 25.00
CA GLU A 478 -26.39 -13.65 23.95
C GLU A 478 -27.04 -14.89 24.54
N LEU A 479 -28.35 -14.84 24.72
CA LEU A 479 -29.07 -15.96 25.28
C LEU A 479 -29.84 -16.68 24.19
N THR A 480 -29.40 -17.89 23.85
CA THR A 480 -30.08 -18.66 22.82
C THR A 480 -30.72 -19.91 23.41
N GLU A 481 -31.54 -20.60 22.63
CA GLU A 481 -32.18 -21.78 23.13
C GLU A 481 -31.25 -22.98 23.12
N ARG A 482 -31.14 -23.61 24.28
CA ARG A 482 -30.29 -24.77 24.45
C ARG A 482 -31.12 -26.00 24.25
N ILE A 483 -30.75 -26.80 23.26
CA ILE A 483 -31.44 -28.05 22.97
C ILE A 483 -30.44 -29.16 23.29
N ASP A 484 -30.57 -29.72 24.48
CA ASP A 484 -29.69 -30.78 24.99
C ASP A 484 -29.83 -32.11 24.25
N GLU A 485 -28.70 -32.65 23.81
CA GLU A 485 -28.66 -33.93 23.09
C GLU A 485 -27.94 -35.00 23.90
N SER A 486 -27.64 -34.67 25.15
CA SER A 486 -26.93 -35.57 26.07
C SER A 486 -27.52 -36.97 26.20
N SER A 487 -28.84 -37.09 26.20
CA SER A 487 -29.46 -38.39 26.36
C SER A 487 -29.16 -39.32 25.18
N THR A 488 -28.54 -38.79 24.13
CA THR A 488 -28.21 -39.61 22.97
C THR A 488 -26.88 -40.35 23.12
N TYR A 489 -26.09 -39.96 24.11
CA TYR A 489 -24.80 -40.60 24.34
C TYR A 489 -24.92 -41.77 25.32
N ILE A 490 -25.20 -42.96 24.79
CA ILE A 490 -25.34 -44.17 25.57
C ILE A 490 -24.20 -44.32 26.58
N GLY A 491 -24.56 -44.36 27.86
CA GLY A 491 -23.55 -44.52 28.91
C GLY A 491 -22.80 -43.26 29.29
N LEU A 492 -23.19 -42.11 28.75
CA LEU A 492 -22.52 -40.84 29.05
C LEU A 492 -22.50 -40.58 30.54
N ASP A 493 -21.31 -40.37 31.11
CA ASP A 493 -21.19 -40.08 32.54
C ASP A 493 -19.81 -39.53 32.87
N ASP A 494 -19.70 -38.20 32.83
CA ASP A 494 -18.42 -37.52 33.09
C ASP A 494 -17.79 -37.87 34.42
N SER A 495 -18.60 -38.32 35.38
CA SER A 495 -18.08 -38.68 36.68
C SER A 495 -17.19 -39.95 36.60
N LYS A 496 -17.16 -40.57 35.43
CA LYS A 496 -16.34 -41.75 35.26
C LYS A 496 -14.96 -41.40 34.68
N ILE A 497 -14.62 -40.12 34.73
CA ILE A 497 -13.34 -39.62 34.25
C ILE A 497 -12.56 -39.13 35.47
N ASN A 498 -11.30 -39.50 35.55
CA ASN A 498 -10.46 -39.11 36.69
C ASN A 498 -10.66 -37.68 37.18
N GLY A 499 -11.24 -37.54 38.37
CA GLY A 499 -11.44 -36.21 38.94
C GLY A 499 -12.75 -35.53 38.68
N TYR A 500 -13.53 -36.02 37.72
CA TYR A 500 -14.81 -35.40 37.39
C TYR A 500 -15.99 -36.13 38.03
N MET B 1 21.34 -19.88 -42.90
CA MET B 1 21.06 -19.91 -41.43
C MET B 1 22.31 -19.70 -40.58
N ILE B 2 22.29 -20.26 -39.38
CA ILE B 2 23.41 -20.17 -38.44
C ILE B 2 23.60 -21.51 -37.74
N LYS B 3 24.63 -22.24 -38.14
CA LYS B 3 24.91 -23.55 -37.56
C LYS B 3 25.89 -23.43 -36.40
N VAL B 4 25.68 -24.26 -35.38
CA VAL B 4 26.54 -24.27 -34.19
C VAL B 4 26.61 -25.67 -33.60
N ARG B 5 27.79 -26.05 -33.13
CA ARG B 5 27.95 -27.37 -32.53
C ARG B 5 28.43 -27.18 -31.09
N VAL B 6 27.48 -27.03 -30.18
CA VAL B 6 27.80 -26.85 -28.77
C VAL B 6 28.75 -27.93 -28.26
N PRO B 7 29.96 -27.54 -27.82
CA PRO B 7 30.94 -28.49 -27.31
C PRO B 7 30.46 -29.24 -26.07
N ASP B 8 30.84 -30.50 -25.95
CA ASP B 8 30.41 -31.32 -24.82
C ASP B 8 31.15 -31.04 -23.52
N PHE B 9 32.22 -30.26 -23.58
CA PHE B 9 33.00 -29.94 -22.39
C PHE B 9 32.89 -28.49 -21.94
N SER B 10 32.87 -28.30 -20.63
CA SER B 10 32.73 -26.98 -20.04
C SER B 10 34.01 -26.28 -19.62
N ASP B 11 34.27 -25.15 -20.24
CA ASP B 11 35.44 -24.34 -19.91
C ASP B 11 35.00 -23.31 -18.88
N LYS B 12 34.27 -22.31 -19.34
CA LYS B 12 33.79 -21.24 -18.47
C LYS B 12 32.61 -21.69 -17.63
N LYS B 13 32.21 -20.86 -16.68
CA LYS B 13 31.07 -21.16 -15.80
C LYS B 13 30.11 -19.98 -15.82
N PHE B 14 28.81 -20.25 -15.72
CA PHE B 14 27.82 -19.19 -15.71
C PHE B 14 27.32 -18.96 -14.30
N SER B 15 27.34 -17.71 -13.85
CA SER B 15 26.91 -17.39 -12.49
C SER B 15 25.53 -16.75 -12.41
N ASP B 16 24.97 -16.72 -11.20
CA ASP B 16 23.68 -16.11 -10.97
C ASP B 16 23.84 -14.67 -10.50
N ARG B 17 24.85 -13.99 -11.03
CA ARG B 17 25.06 -12.61 -10.65
C ARG B 17 23.99 -11.73 -11.27
N TRP B 18 23.38 -12.22 -12.36
CA TRP B 18 22.34 -11.46 -13.03
C TRP B 18 21.11 -11.29 -12.16
N ARG B 19 20.94 -12.15 -11.16
CA ARG B 19 19.77 -12.05 -10.31
C ARG B 19 20.07 -11.63 -8.87
N TYR B 20 21.25 -11.05 -8.66
CA TYR B 20 21.65 -10.60 -7.33
C TYR B 20 20.80 -9.43 -6.85
N CYS B 21 20.42 -8.55 -7.77
CA CYS B 21 19.67 -7.36 -7.40
C CYS B 21 18.71 -6.83 -8.48
N VAL B 22 17.69 -6.09 -8.07
CA VAL B 22 16.74 -5.44 -9.00
C VAL B 22 16.45 -4.05 -8.47
N GLY B 23 16.06 -3.15 -9.37
CA GLY B 23 15.76 -1.78 -8.98
C GLY B 23 14.33 -1.63 -8.56
N THR B 24 14.01 -0.53 -7.89
CA THR B 24 12.65 -0.25 -7.42
C THR B 24 12.39 1.25 -7.33
N GLY B 25 11.13 1.62 -7.19
CA GLY B 25 10.79 3.02 -7.03
C GLY B 25 11.12 3.38 -5.59
N ARG B 26 11.03 4.65 -5.21
CA ARG B 26 11.36 5.06 -3.85
C ARG B 26 10.73 4.14 -2.81
N LEU B 27 11.48 3.88 -1.74
CA LEU B 27 11.02 3.00 -0.67
C LEU B 27 9.64 3.32 -0.12
N GLY B 28 9.21 4.57 -0.26
CA GLY B 28 7.90 4.94 0.25
C GLY B 28 6.80 4.21 -0.48
N LEU B 29 6.99 3.99 -1.77
CA LEU B 29 6.02 3.31 -2.61
C LEU B 29 5.90 1.84 -2.24
N ALA B 30 6.84 1.35 -1.43
CA ALA B 30 6.80 -0.04 -1.03
C ALA B 30 5.70 -0.23 0.01
N LEU B 31 5.04 0.85 0.38
CA LEU B 31 3.97 0.77 1.35
C LEU B 31 2.68 0.43 0.61
N GLN B 32 2.69 0.64 -0.71
CA GLN B 32 1.54 0.36 -1.56
C GLN B 32 1.24 -1.12 -1.71
N LYS B 33 -0.05 -1.46 -1.62
CA LYS B 33 -0.50 -2.84 -1.77
C LYS B 33 -0.05 -3.36 -3.12
N GLU B 34 -0.28 -2.56 -4.14
CA GLU B 34 0.10 -2.90 -5.51
C GLU B 34 1.57 -3.26 -5.58
N TYR B 35 2.40 -2.50 -4.89
CA TYR B 35 3.84 -2.71 -4.90
C TYR B 35 4.21 -4.10 -4.38
N ILE B 36 3.76 -4.39 -3.17
CA ILE B 36 4.05 -5.66 -2.55
C ILE B 36 3.46 -6.88 -3.26
N GLU B 37 2.28 -6.77 -3.85
CA GLU B 37 1.72 -7.93 -4.57
C GLU B 37 2.72 -8.24 -5.68
N THR B 38 3.15 -7.21 -6.38
CA THR B 38 4.06 -7.36 -7.49
C THR B 38 5.41 -7.89 -7.06
N LEU B 39 5.90 -7.42 -5.91
CA LEU B 39 7.18 -7.91 -5.42
C LEU B 39 7.06 -9.43 -5.17
N LYS B 40 6.02 -9.84 -4.44
CA LYS B 40 5.81 -11.26 -4.17
C LYS B 40 5.71 -12.00 -5.50
N TYR B 41 4.84 -11.53 -6.37
CA TYR B 41 4.68 -12.14 -7.68
C TYR B 41 6.04 -12.35 -8.33
N VAL B 42 6.81 -11.27 -8.42
CA VAL B 42 8.12 -11.35 -9.04
C VAL B 42 9.10 -12.31 -8.35
N LYS B 43 9.10 -12.30 -7.02
CA LYS B 43 9.99 -13.19 -6.27
C LYS B 43 9.64 -14.66 -6.45
N GLU B 44 8.38 -14.97 -6.77
CA GLU B 44 7.98 -16.35 -6.97
C GLU B 44 8.50 -16.85 -8.30
N ASN B 45 8.93 -15.94 -9.15
CA ASN B 45 9.43 -16.30 -10.47
C ASN B 45 10.92 -16.09 -10.65
N ILE B 46 11.47 -15.06 -10.01
CA ILE B 46 12.89 -14.76 -10.13
C ILE B 46 13.43 -14.56 -8.72
N ASP B 47 14.45 -15.31 -8.35
CA ASP B 47 14.99 -15.20 -7.00
C ASP B 47 16.03 -14.10 -6.76
N PHE B 48 15.61 -12.85 -6.91
CA PHE B 48 16.49 -11.71 -6.68
C PHE B 48 16.87 -11.68 -5.19
N LYS B 49 18.15 -11.40 -4.92
CA LYS B 49 18.67 -11.37 -3.56
C LYS B 49 18.48 -10.03 -2.88
N TYR B 50 18.64 -8.95 -3.63
CA TYR B 50 18.51 -7.62 -3.07
C TYR B 50 17.66 -6.72 -3.93
N ILE B 51 17.20 -5.62 -3.32
CA ILE B 51 16.39 -4.63 -4.00
C ILE B 51 16.96 -3.23 -3.70
N ARG B 52 17.19 -2.45 -4.76
CA ARG B 52 17.80 -1.13 -4.64
C ARG B 52 16.94 0.03 -5.12
N GLY B 53 16.68 0.97 -4.22
CA GLY B 53 15.89 2.14 -4.54
C GLY B 53 16.27 3.36 -3.73
N HIS B 54 15.78 4.54 -4.13
CA HIS B 54 16.08 5.78 -3.43
C HIS B 54 15.06 6.05 -2.34
N GLY B 55 15.21 7.21 -1.70
CA GLY B 55 14.27 7.65 -0.68
C GLY B 55 14.31 7.14 0.74
N LEU B 56 15.28 6.32 1.11
CA LEU B 56 15.31 5.83 2.49
C LEU B 56 15.12 6.97 3.49
N LEU B 57 15.77 8.10 3.20
CA LEU B 57 15.72 9.26 4.09
C LEU B 57 14.76 10.36 3.67
N CYS B 58 13.98 10.15 2.61
CA CYS B 58 13.05 11.19 2.20
C CYS B 58 11.91 11.29 3.21
N ASP B 59 11.21 12.41 3.17
CA ASP B 59 10.19 12.65 4.17
C ASP B 59 8.90 11.86 4.16
N ASP B 60 8.56 11.24 3.03
CA ASP B 60 7.33 10.44 2.98
C ASP B 60 7.52 9.23 3.90
N VAL B 61 8.74 8.67 3.92
CA VAL B 61 9.05 7.55 4.81
C VAL B 61 9.12 8.13 6.23
N GLY B 62 9.43 9.43 6.28
CA GLY B 62 9.47 10.19 7.51
C GLY B 62 10.32 9.77 8.69
N ILE B 63 11.58 9.44 8.46
CA ILE B 63 12.45 9.02 9.56
C ILE B 63 12.91 10.21 10.41
N TYR B 64 13.38 11.27 9.75
CA TYR B 64 13.90 12.44 10.46
C TYR B 64 12.90 13.54 10.82
N ARG B 65 12.67 13.72 12.11
CA ARG B 65 11.75 14.75 12.61
C ARG B 65 12.45 15.58 13.71
N GLU B 66 11.81 16.67 14.12
CA GLU B 66 12.36 17.53 15.15
C GLU B 66 11.25 18.03 16.05
N ASP B 67 11.45 17.91 17.36
CA ASP B 67 10.46 18.37 18.33
C ASP B 67 10.93 19.63 19.03
N VAL B 68 10.01 20.56 19.26
CA VAL B 68 10.36 21.80 19.93
C VAL B 68 9.75 21.83 21.33
N VAL B 69 10.62 21.90 22.34
CA VAL B 69 10.18 21.97 23.73
C VAL B 69 10.72 23.27 24.30
N GLY B 70 10.17 24.37 23.79
CA GLY B 70 10.59 25.70 24.21
C GLY B 70 11.63 26.24 23.26
N ASP B 71 12.87 26.33 23.73
CA ASP B 71 14.00 26.82 22.93
C ASP B 71 14.79 25.61 22.48
N GLU B 72 14.52 24.48 23.13
CA GLU B 72 15.21 23.22 22.85
C GLU B 72 14.65 22.54 21.60
N VAL B 73 15.55 22.21 20.67
CA VAL B 73 15.17 21.52 19.44
C VAL B 73 15.93 20.20 19.36
N LYS B 74 15.25 19.11 19.72
CA LYS B 74 15.82 17.78 19.70
C LYS B 74 15.32 17.02 18.48
N PRO B 75 16.20 16.20 17.86
CA PRO B 75 15.73 15.47 16.68
C PRO B 75 14.96 14.22 17.13
N PHE B 76 14.04 13.75 16.29
CA PHE B 76 13.27 12.55 16.58
C PHE B 76 13.31 11.64 15.38
N TYR B 77 13.71 10.38 15.59
CA TYR B 77 13.79 9.43 14.50
C TYR B 77 12.58 8.51 14.52
N ASN B 78 11.74 8.63 13.49
CA ASN B 78 10.52 7.85 13.38
C ASN B 78 10.74 6.64 12.47
N PHE B 79 10.59 5.45 13.02
CA PHE B 79 10.83 4.23 12.26
C PHE B 79 9.57 3.47 11.89
N THR B 80 8.40 4.08 12.10
CA THR B 80 7.17 3.39 11.80
C THR B 80 7.10 2.85 10.39
N TYR B 81 7.51 3.64 9.40
CA TYR B 81 7.47 3.18 8.02
C TYR B 81 8.59 2.26 7.53
N ILE B 82 9.87 2.58 7.74
CA ILE B 82 10.91 1.66 7.25
C ILE B 82 10.83 0.32 7.93
N ASP B 83 10.25 0.29 9.12
CA ASP B 83 10.11 -0.99 9.82
C ASP B 83 9.17 -1.84 8.97
N ARG B 84 7.97 -1.31 8.74
CA ARG B 84 6.98 -2.00 7.93
C ARG B 84 7.60 -2.35 6.58
N ILE B 85 8.28 -1.37 5.97
CA ILE B 85 8.92 -1.58 4.68
C ILE B 85 9.95 -2.68 4.70
N PHE B 86 10.95 -2.56 5.57
CA PHE B 86 11.98 -3.59 5.60
C PHE B 86 11.46 -4.92 6.13
N ASP B 87 10.47 -4.87 7.01
CA ASP B 87 9.89 -6.10 7.53
C ASP B 87 9.27 -6.86 6.35
N SER B 88 8.59 -6.12 5.48
CA SER B 88 7.93 -6.75 4.35
C SER B 88 8.90 -7.21 3.28
N PHE B 89 10.08 -6.60 3.23
CA PHE B 89 11.11 -6.99 2.27
C PHE B 89 11.66 -8.36 2.69
N LEU B 90 11.91 -8.50 3.99
CA LEU B 90 12.45 -9.75 4.50
C LEU B 90 11.41 -10.85 4.48
N GLU B 91 10.16 -10.50 4.77
CA GLU B 91 9.09 -11.49 4.78
C GLU B 91 9.05 -12.22 3.44
N ILE B 92 9.20 -11.45 2.37
CA ILE B 92 9.19 -11.95 1.00
C ILE B 92 10.50 -12.65 0.64
N GLY B 93 11.52 -12.46 1.47
CA GLY B 93 12.79 -13.09 1.21
C GLY B 93 13.69 -12.31 0.28
N ILE B 94 13.81 -11.01 0.53
CA ILE B 94 14.67 -10.16 -0.29
C ILE B 94 15.33 -9.12 0.64
N ARG B 95 16.64 -8.96 0.47
CA ARG B 95 17.43 -8.03 1.29
C ARG B 95 17.51 -6.66 0.62
N PRO B 96 17.61 -5.60 1.43
CA PRO B 96 17.70 -4.26 0.87
C PRO B 96 19.13 -3.88 0.55
N PHE B 97 19.36 -3.35 -0.65
CA PHE B 97 20.67 -2.89 -1.06
C PHE B 97 20.55 -1.39 -0.75
N VAL B 98 20.60 -1.07 0.54
CA VAL B 98 20.43 0.29 1.03
C VAL B 98 21.16 1.40 0.30
N GLU B 99 20.44 2.48 0.03
CA GLU B 99 21.02 3.64 -0.63
C GLU B 99 20.72 4.87 0.24
N ILE B 100 21.69 5.31 1.03
CA ILE B 100 21.50 6.47 1.91
C ILE B 100 21.24 7.74 1.11
N GLY B 101 20.14 8.40 1.47
CA GLY B 101 19.72 9.60 0.80
C GLY B 101 18.23 9.47 0.52
N PHE B 102 17.59 10.55 0.09
CA PHE B 102 18.25 11.83 -0.12
C PHE B 102 18.32 12.63 1.18
N MET B 103 18.27 13.96 1.08
CA MET B 103 18.37 14.80 2.25
C MET B 103 17.04 15.26 2.85
N PRO B 104 16.77 14.87 4.10
CA PRO B 104 15.52 15.27 4.75
C PRO B 104 15.34 16.79 4.76
N LYS B 105 14.10 17.24 4.80
CA LYS B 105 13.81 18.67 4.79
C LYS B 105 14.36 19.47 5.97
N LYS B 106 14.09 19.00 7.18
CA LYS B 106 14.58 19.73 8.36
C LYS B 106 16.09 19.63 8.58
N LEU B 107 16.81 19.13 7.57
CA LEU B 107 18.27 19.01 7.64
C LEU B 107 18.95 19.64 6.44
N ALA B 108 18.19 19.87 5.38
CA ALA B 108 18.73 20.45 4.15
C ALA B 108 19.37 21.84 4.34
N SER B 109 20.25 22.20 3.40
CA SER B 109 20.93 23.49 3.45
C SER B 109 20.38 24.38 2.33
N GLY B 110 19.78 23.74 1.33
CA GLY B 110 19.22 24.49 0.21
C GLY B 110 17.76 24.14 0.00
N THR B 111 17.26 24.40 -1.21
CA THR B 111 15.87 24.11 -1.52
C THR B 111 15.72 23.32 -2.82
N GLN B 112 16.85 23.05 -3.48
CA GLN B 112 16.79 22.32 -4.73
C GLN B 112 16.29 20.90 -4.50
N THR B 113 15.29 20.49 -5.28
CA THR B 113 14.77 19.14 -5.15
C THR B 113 14.81 18.46 -6.52
N VAL B 114 14.52 17.17 -6.52
CA VAL B 114 14.52 16.41 -7.75
C VAL B 114 13.25 15.53 -7.82
N PHE B 115 12.84 15.21 -9.04
CA PHE B 115 11.65 14.37 -9.26
C PHE B 115 10.33 15.01 -8.88
N TYR B 116 9.25 14.36 -9.27
CA TYR B 116 7.90 14.81 -8.97
C TYR B 116 7.66 14.80 -7.45
N TRP B 117 8.29 13.86 -6.75
CA TRP B 117 8.12 13.78 -5.29
C TRP B 117 9.05 14.69 -4.51
N GLU B 118 9.85 15.46 -5.24
CA GLU B 118 10.75 16.45 -4.66
C GLU B 118 11.67 16.02 -3.53
N GLY B 119 12.70 15.23 -3.84
CA GLY B 119 13.63 14.83 -2.80
C GLY B 119 14.69 15.93 -2.70
N ASN B 120 15.03 16.36 -1.48
CA ASN B 120 16.03 17.40 -1.35
C ASN B 120 17.43 16.92 -1.76
N VAL B 121 18.02 17.67 -2.68
CA VAL B 121 19.32 17.36 -3.25
C VAL B 121 20.48 18.21 -2.71
N THR B 122 20.25 18.93 -1.62
CA THR B 122 21.32 19.76 -1.02
C THR B 122 21.96 19.03 0.17
N PRO B 123 23.23 19.38 0.51
CA PRO B 123 23.93 18.76 1.64
C PRO B 123 23.39 19.21 2.99
N PRO B 124 23.71 18.48 4.06
CA PRO B 124 23.22 18.87 5.37
C PRO B 124 23.76 20.22 5.84
N LYS B 125 22.89 20.98 6.52
CA LYS B 125 23.27 22.29 7.04
C LYS B 125 24.13 22.05 8.28
N ASP B 126 24.30 20.77 8.63
CA ASP B 126 25.08 20.38 9.80
C ASP B 126 25.41 18.89 9.71
N TYR B 127 26.60 18.57 9.22
CA TYR B 127 27.01 17.16 9.09
C TYR B 127 26.98 16.40 10.40
N GLU B 128 27.05 17.13 11.51
CA GLU B 128 27.02 16.52 12.82
C GLU B 128 25.67 15.86 13.02
N LYS B 129 24.61 16.60 12.73
CA LYS B 129 23.25 16.11 12.86
C LYS B 129 22.99 14.94 11.90
N TRP B 130 23.58 15.04 10.70
CA TRP B 130 23.44 14.01 9.67
C TRP B 130 24.10 12.72 10.13
N SER B 131 25.29 12.84 10.72
CA SER B 131 26.04 11.69 11.21
C SER B 131 25.23 10.95 12.28
N ASP B 132 24.58 11.70 13.16
CA ASP B 132 23.78 11.08 14.21
C ASP B 132 22.55 10.43 13.61
N LEU B 133 22.07 10.99 12.50
CA LEU B 133 20.91 10.45 11.80
C LEU B 133 21.28 9.06 11.29
N VAL B 134 22.36 8.99 10.52
CA VAL B 134 22.83 7.74 9.98
C VAL B 134 23.05 6.68 11.05
N LYS B 135 23.74 7.05 12.12
CA LYS B 135 24.01 6.12 13.19
C LYS B 135 22.75 5.64 13.91
N ALA B 136 21.76 6.51 14.08
CA ALA B 136 20.52 6.16 14.75
C ALA B 136 19.72 5.12 13.95
N VAL B 137 19.80 5.23 12.63
CA VAL B 137 19.11 4.32 11.74
C VAL B 137 19.77 2.94 11.80
N LEU B 138 21.08 2.88 11.59
CA LEU B 138 21.78 1.61 11.64
C LEU B 138 21.60 0.93 12.98
N HIS B 139 21.67 1.68 14.07
CA HIS B 139 21.47 1.06 15.38
C HIS B 139 20.07 0.47 15.48
N HIS B 140 19.09 1.18 14.92
CA HIS B 140 17.73 0.68 14.96
C HIS B 140 17.61 -0.60 14.14
N PHE B 141 18.19 -0.60 12.94
CA PHE B 141 18.15 -1.77 12.09
C PHE B 141 18.73 -2.94 12.89
N ILE B 142 19.92 -2.73 13.43
CA ILE B 142 20.61 -3.74 14.23
C ILE B 142 19.70 -4.22 15.35
N SER B 143 19.02 -3.26 15.98
CA SER B 143 18.12 -3.52 17.08
C SER B 143 16.93 -4.42 16.76
N ARG B 144 16.31 -4.19 15.61
CA ARG B 144 15.13 -4.96 15.21
C ARG B 144 15.46 -6.21 14.39
N TYR B 145 16.43 -6.11 13.49
CA TYR B 145 16.80 -7.23 12.64
C TYR B 145 18.02 -8.06 13.05
N GLY B 146 18.73 -7.63 14.10
CA GLY B 146 19.91 -8.37 14.51
C GLY B 146 21.13 -8.01 13.68
N ILE B 147 22.30 -8.02 14.30
CA ILE B 147 23.52 -7.65 13.59
C ILE B 147 23.88 -8.60 12.46
N GLU B 148 23.58 -9.89 12.63
CA GLU B 148 23.90 -10.88 11.61
C GLU B 148 23.19 -10.55 10.28
N GLU B 149 21.95 -10.06 10.38
CA GLU B 149 21.15 -9.69 9.22
C GLU B 149 21.69 -8.42 8.55
N VAL B 150 21.63 -7.32 9.30
CA VAL B 150 22.09 -6.01 8.80
C VAL B 150 23.44 -6.13 8.13
N LEU B 151 24.32 -6.93 8.72
CA LEU B 151 25.66 -7.14 8.19
C LEU B 151 25.69 -7.60 6.75
N LYS B 152 24.55 -8.03 6.23
CA LYS B 152 24.48 -8.50 4.85
C LYS B 152 23.99 -7.43 3.89
N TRP B 153 23.56 -6.29 4.42
CA TRP B 153 23.05 -5.21 3.61
C TRP B 153 24.14 -4.23 3.25
N PRO B 154 24.43 -4.06 1.95
CA PRO B 154 25.47 -3.11 1.54
C PRO B 154 24.87 -1.68 1.61
N PHE B 155 25.71 -0.67 1.81
CA PHE B 155 25.22 0.70 1.88
C PHE B 155 25.83 1.63 0.85
N GLU B 156 25.04 2.00 -0.15
CA GLU B 156 25.48 2.89 -1.23
C GLU B 156 25.21 4.34 -0.79
N ILE B 157 26.20 5.21 -0.92
CA ILE B 157 26.01 6.59 -0.49
C ILE B 157 25.57 7.51 -1.61
N TRP B 158 24.35 8.02 -1.46
CA TRP B 158 23.72 8.93 -2.42
C TRP B 158 23.42 8.33 -3.77
N ASN B 159 23.09 9.19 -4.73
CA ASN B 159 22.77 8.77 -6.09
C ASN B 159 23.29 9.77 -7.11
N GLU B 160 23.89 9.27 -8.18
CA GLU B 160 24.44 10.11 -9.25
C GLU B 160 24.85 11.52 -8.79
N PRO B 161 25.79 11.61 -7.83
CA PRO B 161 26.21 12.94 -7.37
C PRO B 161 26.97 13.71 -8.44
N ASN B 162 27.17 13.07 -9.58
CA ASN B 162 27.88 13.68 -10.71
C ASN B 162 26.92 14.52 -11.54
N LEU B 163 25.63 14.47 -11.19
CA LEU B 163 24.63 15.24 -11.91
C LEU B 163 24.14 16.37 -11.03
N LYS B 164 23.97 17.54 -11.63
CA LYS B 164 23.51 18.73 -10.92
C LYS B 164 22.12 18.57 -10.30
N GLU B 165 21.33 17.67 -10.88
CA GLU B 165 19.96 17.38 -10.43
C GLU B 165 19.90 16.59 -9.12
N PHE B 166 20.87 15.71 -8.92
CA PHE B 166 20.89 14.88 -7.73
C PHE B 166 21.82 15.37 -6.63
N TRP B 167 22.77 16.22 -6.99
CA TRP B 167 23.72 16.76 -6.01
C TRP B 167 23.94 18.23 -6.35
N LYS B 168 23.77 19.12 -5.38
CA LYS B 168 23.93 20.55 -5.63
C LYS B 168 25.22 20.87 -6.39
N ASP B 169 25.04 21.44 -7.58
CA ASP B 169 26.15 21.83 -8.45
C ASP B 169 27.17 20.72 -8.73
N ALA B 170 26.75 19.47 -8.54
CA ALA B 170 27.64 18.34 -8.80
C ALA B 170 28.97 18.55 -8.06
N ASP B 171 28.91 19.14 -6.88
CA ASP B 171 30.11 19.39 -6.10
C ASP B 171 30.82 18.09 -5.71
N GLU B 172 31.74 17.67 -6.57
CA GLU B 172 32.50 16.46 -6.34
C GLU B 172 33.19 16.46 -4.99
N LYS B 173 33.86 17.55 -4.66
CA LYS B 173 34.56 17.64 -3.38
C LYS B 173 33.61 17.57 -2.19
N GLU B 174 32.39 18.09 -2.35
CA GLU B 174 31.42 18.05 -1.26
C GLU B 174 30.92 16.62 -1.11
N TYR B 175 30.75 15.93 -2.24
CA TYR B 175 30.26 14.57 -2.21
C TYR B 175 31.19 13.71 -1.37
N PHE B 176 32.49 13.84 -1.64
CA PHE B 176 33.50 13.08 -0.93
C PHE B 176 33.42 13.38 0.56
N LYS B 177 33.03 14.60 0.90
CA LYS B 177 32.92 14.95 2.30
C LYS B 177 31.71 14.23 2.88
N LEU B 178 30.65 14.13 2.07
CA LEU B 178 29.45 13.44 2.49
C LEU B 178 29.82 11.97 2.67
N TYR B 179 30.47 11.41 1.66
CA TYR B 179 30.90 10.03 1.68
C TYR B 179 31.70 9.71 2.95
N LYS B 180 32.65 10.56 3.29
CA LYS B 180 33.47 10.34 4.47
C LYS B 180 32.70 10.37 5.77
N VAL B 181 31.91 11.42 5.98
CA VAL B 181 31.14 11.55 7.23
C VAL B 181 30.20 10.37 7.37
N THR B 182 29.61 9.94 6.26
CA THR B 182 28.68 8.83 6.30
C THR B 182 29.42 7.50 6.46
N ALA B 183 30.47 7.30 5.67
CA ALA B 183 31.25 6.06 5.75
C ALA B 183 31.82 5.91 7.15
N LYS B 184 32.15 7.03 7.77
CA LYS B 184 32.71 7.00 9.11
C LYS B 184 31.62 6.66 10.12
N ALA B 185 30.48 7.35 9.99
CA ALA B 185 29.35 7.12 10.88
C ALA B 185 28.95 5.65 10.90
N ILE B 186 28.84 5.06 9.71
CA ILE B 186 28.49 3.66 9.55
C ILE B 186 29.50 2.72 10.23
N LYS B 187 30.76 2.87 9.86
CA LYS B 187 31.81 2.04 10.42
C LYS B 187 31.93 2.19 11.93
N GLU B 188 31.41 3.29 12.45
CA GLU B 188 31.43 3.52 13.89
C GLU B 188 30.52 2.51 14.57
N VAL B 189 29.34 2.30 13.99
CA VAL B 189 28.36 1.37 14.52
C VAL B 189 28.91 -0.06 14.48
N ASN B 190 29.50 -0.43 13.34
CA ASN B 190 30.09 -1.75 13.18
C ASN B 190 31.06 -1.68 12.02
N GLU B 191 32.33 -1.97 12.31
CA GLU B 191 33.40 -1.90 11.32
C GLU B 191 33.23 -2.84 10.14
N ASN B 192 32.28 -3.76 10.24
CA ASN B 192 32.06 -4.74 9.18
C ASN B 192 30.97 -4.42 8.15
N LEU B 193 30.18 -3.39 8.41
CA LEU B 193 29.12 -3.01 7.47
C LEU B 193 29.72 -2.57 6.14
N LYS B 194 29.14 -3.06 5.04
CA LYS B 194 29.63 -2.73 3.71
C LYS B 194 29.15 -1.37 3.24
N VAL B 195 30.08 -0.55 2.74
CA VAL B 195 29.73 0.77 2.27
C VAL B 195 30.52 1.11 1.00
N GLY B 196 29.91 1.88 0.10
CA GLY B 196 30.58 2.22 -1.14
C GLY B 196 29.92 3.35 -1.91
N GLY B 197 30.46 3.62 -3.10
CA GLY B 197 29.95 4.69 -3.96
C GLY B 197 30.67 4.62 -5.29
N PRO B 198 30.70 5.71 -6.09
CA PRO B 198 30.10 7.04 -5.89
C PRO B 198 28.65 7.11 -6.38
N ALA B 199 28.18 6.02 -7.00
CA ALA B 199 26.82 5.93 -7.52
C ALA B 199 26.62 6.82 -8.76
N ILE B 200 27.71 7.15 -9.43
CA ILE B 200 27.64 7.99 -10.62
C ILE B 200 27.01 7.24 -11.79
N CYS B 201 26.80 7.96 -12.89
CA CYS B 201 26.24 7.35 -14.09
C CYS B 201 27.15 7.63 -15.27
N GLY B 202 27.11 6.76 -16.26
CA GLY B 202 27.94 6.88 -17.45
C GLY B 202 28.34 8.25 -17.98
N GLY B 203 29.63 8.45 -18.18
CA GLY B 203 30.14 9.70 -18.71
C GLY B 203 30.88 10.57 -17.73
N ALA B 204 31.47 9.95 -16.71
CA ALA B 204 32.21 10.70 -15.70
C ALA B 204 33.01 9.75 -14.83
N ASP B 205 33.57 8.72 -15.45
CA ASP B 205 34.35 7.73 -14.73
C ASP B 205 35.48 8.34 -13.91
N TYR B 206 35.92 9.54 -14.30
CA TYR B 206 36.98 10.21 -13.58
C TYR B 206 36.54 10.35 -12.12
N TRP B 207 35.22 10.33 -11.91
CA TRP B 207 34.63 10.43 -10.57
C TRP B 207 35.02 9.24 -9.71
N ILE B 208 35.05 8.08 -10.33
CA ILE B 208 35.40 6.85 -9.64
C ILE B 208 36.90 6.84 -9.36
N GLU B 209 37.68 7.41 -10.27
CA GLU B 209 39.13 7.49 -10.08
C GLU B 209 39.41 8.38 -8.87
N ASP B 210 38.80 9.56 -8.87
CA ASP B 210 38.98 10.50 -7.78
C ASP B 210 38.40 9.94 -6.49
N PHE B 211 37.27 9.24 -6.61
CA PHE B 211 36.62 8.65 -5.45
C PHE B 211 37.55 7.63 -4.76
N LEU B 212 38.26 6.84 -5.55
CA LEU B 212 39.18 5.84 -5.01
C LEU B 212 40.48 6.48 -4.50
N ASN B 213 40.95 7.51 -5.19
CA ASN B 213 42.17 8.19 -4.76
C ASN B 213 41.83 8.92 -3.47
N PHE B 214 40.67 9.55 -3.46
CA PHE B 214 40.22 10.29 -2.29
C PHE B 214 40.20 9.43 -1.04
N CYS B 215 39.66 8.23 -1.13
CA CYS B 215 39.58 7.33 0.02
C CYS B 215 40.94 6.85 0.50
N TYR B 216 41.81 6.53 -0.44
CA TYR B 216 43.14 6.06 -0.11
C TYR B 216 43.91 7.15 0.63
N GLU B 217 43.95 8.32 0.00
CA GLU B 217 44.66 9.48 0.53
C GLU B 217 44.08 10.08 1.80
N GLU B 218 42.76 10.07 1.94
CA GLU B 218 42.14 10.63 3.13
C GLU B 218 41.81 9.55 4.14
N ASN B 219 42.20 8.32 3.80
CA ASN B 219 41.97 7.15 4.65
C ASN B 219 40.49 6.93 4.98
N VAL B 220 39.67 6.91 3.92
CA VAL B 220 38.24 6.68 4.07
C VAL B 220 37.97 5.26 3.59
N PRO B 221 37.26 4.47 4.39
CA PRO B 221 36.95 3.08 4.03
C PRO B 221 35.99 2.92 2.84
N VAL B 222 36.33 1.97 1.96
CA VAL B 222 35.50 1.66 0.80
C VAL B 222 35.34 0.15 0.75
N ASP B 223 34.16 -0.33 0.43
CA ASP B 223 33.92 -1.75 0.36
C ASP B 223 33.42 -2.18 -1.01
N PHE B 224 33.04 -1.21 -1.84
CA PHE B 224 32.56 -1.51 -3.18
C PHE B 224 32.34 -0.25 -4.01
N VAL B 225 32.50 -0.37 -5.33
CA VAL B 225 32.29 0.75 -6.23
C VAL B 225 30.87 0.61 -6.77
N SER B 226 30.25 1.75 -7.10
CA SER B 226 28.88 1.75 -7.58
C SER B 226 28.73 2.66 -8.80
N ARG B 227 27.97 2.20 -9.79
CA ARG B 227 27.74 2.99 -11.00
C ARG B 227 26.50 2.50 -11.75
N HIS B 228 25.97 3.36 -12.62
CA HIS B 228 24.78 3.02 -13.41
C HIS B 228 25.16 2.90 -14.88
N ALA B 229 24.29 2.29 -15.68
CA ALA B 229 24.57 2.12 -17.09
C ALA B 229 23.31 2.04 -17.94
N TYR B 230 23.23 2.90 -18.95
CA TYR B 230 22.10 2.93 -19.86
C TYR B 230 22.64 3.09 -21.28
N THR B 231 21.77 2.97 -22.28
CA THR B 231 22.22 3.09 -23.66
C THR B 231 21.28 3.91 -24.56
N SER B 232 20.55 4.84 -23.97
CA SER B 232 19.63 5.69 -24.73
C SER B 232 20.24 7.06 -25.01
N LYS B 233 20.24 7.45 -26.28
CA LYS B 233 20.78 8.73 -26.68
C LYS B 233 19.82 9.83 -26.24
N GLN B 234 20.14 11.06 -26.63
CA GLN B 234 19.30 12.20 -26.30
C GLN B 234 17.95 12.08 -26.99
N GLY B 235 16.92 12.62 -26.33
CA GLY B 235 15.58 12.60 -26.89
C GLY B 235 14.85 13.80 -26.34
N GLU B 236 13.74 14.18 -26.97
CA GLU B 236 13.00 15.34 -26.48
C GLU B 236 11.68 14.91 -25.82
N TYR B 237 11.47 15.38 -24.59
CA TYR B 237 10.27 15.05 -23.85
C TYR B 237 8.98 15.65 -24.40
N THR B 238 7.92 14.84 -24.31
CA THR B 238 6.59 15.23 -24.72
C THR B 238 5.91 15.38 -23.37
N PRO B 239 4.78 16.10 -23.30
CA PRO B 239 4.23 16.17 -21.95
C PRO B 239 3.72 14.80 -21.49
N HIS B 240 3.94 13.79 -22.34
CA HIS B 240 3.53 12.41 -22.07
C HIS B 240 4.63 11.36 -22.11
N LEU B 241 5.56 11.49 -23.07
CA LEU B 241 6.64 10.50 -23.21
C LEU B 241 7.89 11.00 -23.95
N ILE B 242 8.89 10.13 -24.07
CA ILE B 242 10.15 10.44 -24.76
C ILE B 242 10.55 9.24 -25.58
N TYR B 243 11.07 9.46 -26.78
CA TYR B 243 11.54 8.36 -27.61
C TYR B 243 13.02 8.57 -27.76
N GLN B 244 13.77 7.49 -27.66
CA GLN B 244 15.23 7.57 -27.77
C GLN B 244 15.78 6.40 -28.55
N GLU B 245 16.93 6.62 -29.16
CA GLU B 245 17.60 5.59 -29.91
C GLU B 245 18.35 4.77 -28.88
N ILE B 246 18.38 3.45 -29.07
CA ILE B 246 19.08 2.61 -28.12
C ILE B 246 20.35 2.08 -28.78
N MET B 247 21.49 2.47 -28.24
CA MET B 247 22.78 2.02 -28.77
C MET B 247 22.86 0.52 -28.53
N PRO B 248 23.55 -0.20 -29.43
CA PRO B 248 23.68 -1.66 -29.27
C PRO B 248 24.16 -2.07 -27.88
N SER B 249 23.90 -3.32 -27.50
CA SER B 249 24.29 -3.80 -26.18
C SER B 249 25.79 -3.79 -25.95
N GLU B 250 26.57 -3.98 -27.01
CA GLU B 250 28.02 -3.99 -26.90
C GLU B 250 28.57 -2.83 -26.08
N TYR B 251 28.04 -1.64 -26.29
CA TYR B 251 28.53 -0.48 -25.57
C TYR B 251 28.28 -0.47 -24.07
N MET B 252 27.32 -1.25 -23.61
CA MET B 252 27.09 -1.29 -22.17
C MET B 252 28.10 -2.23 -21.57
N LEU B 253 28.32 -3.36 -22.24
CA LEU B 253 29.28 -4.35 -21.76
C LEU B 253 30.70 -3.78 -21.73
N ASN B 254 30.96 -2.78 -22.58
CA ASN B 254 32.28 -2.16 -22.58
C ASN B 254 32.38 -1.30 -21.35
N GLU B 255 31.33 -0.55 -21.04
CA GLU B 255 31.35 0.30 -19.86
C GLU B 255 31.63 -0.55 -18.62
N PHE B 256 31.07 -1.77 -18.58
CA PHE B 256 31.30 -2.67 -17.46
C PHE B 256 32.79 -3.02 -17.41
N LYS B 257 33.27 -3.54 -18.53
CA LYS B 257 34.66 -3.94 -18.69
C LYS B 257 35.59 -2.77 -18.36
N THR B 258 35.24 -1.57 -18.85
CA THR B 258 36.03 -0.38 -18.62
C THR B 258 36.20 -0.06 -17.14
N VAL B 259 35.09 0.27 -16.47
CA VAL B 259 35.15 0.61 -15.06
C VAL B 259 35.80 -0.50 -14.24
N ARG B 260 35.84 -1.72 -14.78
CA ARG B 260 36.47 -2.84 -14.06
C ARG B 260 37.96 -2.52 -13.97
N GLU B 261 38.52 -2.09 -15.09
CA GLU B 261 39.93 -1.74 -15.19
C GLU B 261 40.29 -0.61 -14.25
N ILE B 262 39.50 0.45 -14.26
CA ILE B 262 39.75 1.59 -13.40
C ILE B 262 39.86 1.15 -11.93
N ILE B 263 39.21 0.03 -11.59
CA ILE B 263 39.26 -0.46 -10.22
C ILE B 263 40.50 -1.32 -9.95
N LYS B 264 40.85 -2.19 -10.89
CA LYS B 264 42.03 -3.05 -10.72
C LYS B 264 43.34 -2.28 -10.81
N ASN B 265 43.27 -1.01 -11.23
CA ASN B 265 44.44 -0.16 -11.37
C ASN B 265 44.50 0.90 -10.28
N SER B 266 43.54 0.83 -9.37
CA SER B 266 43.47 1.77 -8.26
C SER B 266 44.20 1.18 -7.08
N HIS B 267 44.08 1.83 -5.92
CA HIS B 267 44.72 1.35 -4.70
C HIS B 267 43.89 0.26 -4.06
N PHE B 268 42.70 0.02 -4.62
CA PHE B 268 41.81 -1.03 -4.12
C PHE B 268 41.41 -1.89 -5.31
N PRO B 269 42.38 -2.62 -5.88
CA PRO B 269 42.16 -3.49 -7.06
C PRO B 269 41.18 -4.66 -6.89
N ASN B 270 40.85 -5.02 -5.66
CA ASN B 270 39.93 -6.13 -5.47
C ASN B 270 38.54 -5.76 -4.99
N LEU B 271 38.20 -4.48 -5.00
CA LEU B 271 36.89 -4.06 -4.55
C LEU B 271 35.80 -4.62 -5.45
N PRO B 272 34.70 -5.10 -4.86
CA PRO B 272 33.62 -5.63 -5.68
C PRO B 272 32.99 -4.46 -6.47
N PHE B 273 32.39 -4.77 -7.61
CA PHE B 273 31.79 -3.76 -8.49
C PHE B 273 30.30 -4.05 -8.76
N HIS B 274 29.44 -3.12 -8.36
CA HIS B 274 27.98 -3.25 -8.52
C HIS B 274 27.33 -2.22 -9.44
N ILE B 275 26.73 -2.68 -10.53
CA ILE B 275 26.00 -1.79 -11.42
C ILE B 275 24.63 -1.71 -10.75
N THR B 276 24.53 -0.83 -9.76
CA THR B 276 23.31 -0.67 -8.98
C THR B 276 22.10 -0.16 -9.77
N GLU B 277 22.17 -0.18 -11.09
CA GLU B 277 21.06 0.32 -11.90
C GLU B 277 21.35 0.29 -13.39
N TYR B 278 20.52 -0.39 -14.17
CA TYR B 278 20.71 -0.48 -15.62
C TYR B 278 19.44 -0.80 -16.39
N ASN B 279 19.46 -0.52 -17.69
CA ASN B 279 18.33 -0.75 -18.59
C ASN B 279 18.67 -0.08 -19.91
N THR B 280 17.75 -0.10 -20.88
CA THR B 280 18.01 0.54 -22.16
C THR B 280 17.82 2.05 -22.03
N SER B 281 16.58 2.50 -21.85
CA SER B 281 16.29 3.92 -21.68
C SER B 281 16.36 4.32 -20.22
N TYR B 282 16.86 5.51 -19.94
CA TYR B 282 16.96 5.98 -18.57
C TYR B 282 15.73 6.80 -18.16
N SER B 283 14.68 6.72 -18.97
CA SER B 283 13.46 7.45 -18.67
C SER B 283 12.29 6.54 -18.30
N PRO B 284 11.50 6.94 -17.29
CA PRO B 284 10.36 6.13 -16.87
C PRO B 284 9.14 6.34 -17.79
N GLN B 285 9.38 6.84 -19.00
CA GLN B 285 8.30 7.08 -19.95
C GLN B 285 8.65 6.78 -21.39
N ASN B 286 9.57 5.83 -21.61
CA ASN B 286 9.97 5.45 -22.96
C ASN B 286 9.41 4.05 -23.26
N PRO B 287 8.38 3.97 -24.12
CA PRO B 287 7.77 2.69 -24.48
C PRO B 287 8.70 1.54 -24.88
N VAL B 288 9.99 1.81 -25.00
CA VAL B 288 10.92 0.76 -25.37
C VAL B 288 10.83 -0.34 -24.31
N HIS B 289 10.66 0.08 -23.06
CA HIS B 289 10.58 -0.82 -21.92
C HIS B 289 9.45 -1.85 -22.00
N ASP B 290 8.36 -1.50 -22.68
CA ASP B 290 7.19 -2.38 -22.81
C ASP B 290 7.24 -3.28 -24.02
N THR B 291 8.23 -3.07 -24.88
CA THR B 291 8.31 -3.84 -26.12
C THR B 291 9.07 -5.15 -26.05
N PRO B 292 8.70 -6.11 -26.91
CA PRO B 292 9.38 -7.40 -26.94
C PRO B 292 10.84 -7.17 -27.37
N PHE B 293 11.13 -5.96 -27.79
CA PHE B 293 12.48 -5.61 -28.20
C PHE B 293 13.37 -5.51 -26.96
N ASN B 294 12.89 -4.76 -25.98
CA ASN B 294 13.64 -4.58 -24.75
C ASN B 294 14.05 -5.92 -24.16
N ALA B 295 13.16 -6.91 -24.27
CA ALA B 295 13.43 -8.25 -23.74
C ALA B 295 14.58 -8.94 -24.48
N ALA B 296 14.58 -8.86 -25.81
CA ALA B 296 15.62 -9.50 -26.59
C ALA B 296 16.94 -8.76 -26.44
N TYR B 297 16.86 -7.44 -26.25
CA TYR B 297 18.05 -6.63 -26.07
C TYR B 297 18.73 -7.00 -24.75
N ILE B 298 17.99 -6.95 -23.64
CA ILE B 298 18.55 -7.28 -22.33
C ILE B 298 19.05 -8.72 -22.25
N ALA B 299 18.43 -9.60 -23.03
CA ALA B 299 18.84 -11.01 -23.01
C ALA B 299 20.36 -11.13 -23.04
N ARG B 300 21.01 -10.36 -23.91
CA ARG B 300 22.46 -10.45 -24.03
C ARG B 300 23.17 -9.99 -22.76
N ILE B 301 22.73 -8.88 -22.21
CA ILE B 301 23.35 -8.34 -21.00
C ILE B 301 23.29 -9.34 -19.84
N LEU B 302 22.22 -10.11 -19.76
CA LEU B 302 22.10 -11.10 -18.70
C LEU B 302 23.07 -12.24 -19.03
N SER B 303 23.38 -12.38 -20.31
CA SER B 303 24.28 -13.41 -20.78
C SER B 303 25.75 -13.13 -20.48
N GLU B 304 26.19 -11.91 -20.74
CA GLU B 304 27.60 -11.57 -20.53
C GLU B 304 27.92 -10.66 -19.35
N GLY B 305 26.99 -9.77 -19.01
CA GLY B 305 27.22 -8.83 -17.91
C GLY B 305 27.96 -9.35 -16.69
N GLY B 306 27.60 -10.54 -16.23
CA GLY B 306 28.21 -11.12 -15.06
C GLY B 306 29.68 -11.43 -15.15
N ASP B 307 30.25 -11.35 -16.36
CA ASP B 307 31.68 -11.62 -16.53
C ASP B 307 32.55 -10.49 -15.99
N TYR B 308 31.99 -9.29 -15.95
CA TYR B 308 32.74 -8.12 -15.51
C TYR B 308 32.30 -7.46 -14.21
N VAL B 309 31.10 -7.73 -13.75
CA VAL B 309 30.63 -7.11 -12.52
C VAL B 309 30.13 -8.14 -11.50
N ASP B 310 30.06 -7.71 -10.23
CA ASP B 310 29.60 -8.58 -9.16
C ASP B 310 28.07 -8.66 -9.13
N SER B 311 27.43 -7.66 -9.73
CA SER B 311 25.98 -7.63 -9.78
C SER B 311 25.52 -6.46 -10.62
N PHE B 312 24.41 -6.62 -11.32
CA PHE B 312 23.84 -5.54 -12.11
C PHE B 312 22.34 -5.58 -11.91
N SER B 313 21.83 -4.51 -11.33
CA SER B 313 20.42 -4.41 -10.99
C SER B 313 19.54 -3.76 -12.04
N TYR B 314 18.62 -4.55 -12.60
CA TYR B 314 17.69 -4.05 -13.61
C TYR B 314 16.72 -3.04 -13.01
N TRP B 315 16.70 -1.85 -13.60
CA TRP B 315 15.86 -0.75 -13.15
C TRP B 315 14.62 -0.66 -14.05
N THR B 316 13.44 -1.10 -13.58
CA THR B 316 13.19 -1.68 -12.26
C THR B 316 12.32 -2.94 -12.35
N PHE B 317 11.89 -3.46 -11.20
CA PHE B 317 11.09 -4.68 -11.20
C PHE B 317 9.61 -4.42 -11.50
N SER B 318 9.14 -3.22 -11.16
CA SER B 318 7.74 -2.86 -11.34
C SER B 318 7.53 -1.43 -11.86
N ASP B 319 6.37 -1.20 -12.46
CA ASP B 319 6.07 0.13 -12.94
C ASP B 319 5.54 0.99 -11.81
N VAL B 320 5.46 0.46 -10.59
CA VAL B 320 5.00 1.26 -9.45
C VAL B 320 6.14 2.27 -9.27
N PHE B 321 5.99 3.40 -9.95
CA PHE B 321 7.02 4.44 -10.00
C PHE B 321 6.36 5.82 -9.99
N GLU B 322 7.06 6.82 -9.46
CA GLU B 322 6.49 8.17 -9.43
C GLU B 322 7.44 9.32 -9.76
N GLU B 323 8.65 9.02 -10.18
CA GLU B 323 9.60 10.08 -10.49
C GLU B 323 9.03 11.13 -11.43
N ARG B 324 8.25 10.70 -12.41
CA ARG B 324 7.63 11.63 -13.34
C ARG B 324 6.11 11.61 -13.20
N ASP B 325 5.65 11.78 -11.96
CA ASP B 325 4.24 11.76 -11.63
C ASP B 325 3.65 10.35 -11.77
N VAL B 326 2.40 10.18 -11.35
CA VAL B 326 1.73 8.89 -11.42
C VAL B 326 1.57 8.46 -12.88
N PRO B 327 1.81 7.17 -13.19
CA PRO B 327 1.65 6.72 -14.58
C PRO B 327 0.27 7.14 -15.04
N ARG B 328 0.08 7.21 -16.36
CA ARG B 328 -1.20 7.63 -16.88
C ARG B 328 -1.81 6.66 -17.88
N SER B 329 -1.29 5.43 -17.90
CA SER B 329 -1.82 4.42 -18.81
C SER B 329 -1.25 3.04 -18.51
N GLN B 330 -2.02 1.99 -18.83
CA GLN B 330 -1.60 0.62 -18.60
C GLN B 330 -0.13 0.50 -19.04
N PHE B 331 0.17 0.96 -20.25
CA PHE B 331 1.54 0.93 -20.73
C PHE B 331 1.98 2.38 -20.99
N HIS B 332 3.13 2.76 -20.45
CA HIS B 332 3.61 4.12 -20.58
C HIS B 332 5.14 4.23 -20.63
N GLY B 333 5.81 3.13 -20.92
CA GLY B 333 7.26 3.16 -20.97
C GLY B 333 7.90 3.18 -19.61
N GLY B 334 7.24 2.61 -18.61
CA GLY B 334 7.80 2.54 -17.27
C GLY B 334 8.98 1.57 -17.26
N PHE B 335 9.86 1.69 -16.28
CA PHE B 335 11.05 0.83 -16.16
C PHE B 335 10.75 -0.63 -15.83
N GLY B 336 9.76 -0.84 -14.97
CA GLY B 336 9.38 -2.17 -14.51
C GLY B 336 9.35 -3.36 -15.46
N LEU B 337 9.74 -4.52 -14.92
CA LEU B 337 9.72 -5.76 -15.67
C LEU B 337 8.26 -6.18 -15.74
N VAL B 338 7.49 -5.66 -14.78
CA VAL B 338 6.06 -5.95 -14.70
C VAL B 338 5.26 -4.66 -14.71
N ALA B 339 4.21 -4.64 -15.52
CA ALA B 339 3.35 -3.46 -15.63
C ALA B 339 2.31 -3.49 -14.51
N LEU B 340 1.57 -2.41 -14.36
CA LEU B 340 0.54 -2.36 -13.32
C LEU B 340 -0.48 -3.48 -13.54
N ASN B 341 -1.04 -3.99 -12.43
CA ASN B 341 -2.00 -5.08 -12.44
C ASN B 341 -1.26 -6.39 -12.67
N MET B 342 0.01 -6.39 -12.26
CA MET B 342 0.88 -7.56 -12.39
C MET B 342 0.87 -8.20 -13.76
N ILE B 343 0.99 -7.37 -14.78
CA ILE B 343 1.04 -7.88 -16.15
C ILE B 343 2.50 -7.89 -16.56
N PRO B 344 3.07 -9.10 -16.65
CA PRO B 344 4.47 -9.22 -17.05
C PRO B 344 4.79 -8.71 -18.44
N LYS B 345 5.77 -7.83 -18.55
CA LYS B 345 6.21 -7.30 -19.84
C LYS B 345 7.14 -8.37 -20.41
N PRO B 346 7.43 -8.31 -21.71
CA PRO B 346 8.32 -9.37 -22.21
C PRO B 346 9.69 -9.46 -21.52
N THR B 347 10.24 -8.33 -21.08
CA THR B 347 11.54 -8.36 -20.41
C THR B 347 11.50 -9.28 -19.20
N PHE B 348 10.33 -9.39 -18.59
CA PHE B 348 10.14 -10.23 -17.42
C PHE B 348 10.46 -11.68 -17.73
N TYR B 349 10.03 -12.15 -18.91
CA TYR B 349 10.29 -13.54 -19.26
C TYR B 349 11.72 -13.81 -19.68
N THR B 350 12.46 -12.76 -20.00
CA THR B 350 13.86 -12.97 -20.33
C THR B 350 14.48 -13.43 -19.03
N PHE B 351 14.23 -12.68 -17.96
CA PHE B 351 14.77 -13.03 -16.65
C PHE B 351 14.27 -14.41 -16.25
N LYS B 352 12.98 -14.66 -16.46
CA LYS B 352 12.37 -15.95 -16.14
C LYS B 352 13.14 -17.09 -16.83
N PHE B 353 13.38 -16.92 -18.12
CA PHE B 353 14.11 -17.93 -18.88
C PHE B 353 15.52 -18.19 -18.33
N PHE B 354 16.20 -17.15 -17.86
CA PHE B 354 17.53 -17.38 -17.34
C PHE B 354 17.56 -18.21 -16.07
N ASN B 355 16.39 -18.47 -15.48
CA ASN B 355 16.34 -19.28 -14.28
C ASN B 355 16.67 -20.72 -14.69
N ALA B 356 16.53 -20.99 -15.99
CA ALA B 356 16.79 -22.32 -16.53
C ALA B 356 18.25 -22.64 -16.70
N MET B 357 19.08 -21.60 -16.86
CA MET B 357 20.52 -21.80 -17.06
C MET B 357 21.21 -22.53 -15.91
N GLY B 358 22.30 -23.21 -16.25
CA GLY B 358 23.07 -23.93 -15.25
C GLY B 358 24.49 -23.41 -15.11
N GLU B 359 25.24 -24.00 -14.19
CA GLU B 359 26.63 -23.62 -13.92
C GLU B 359 27.55 -23.80 -15.12
N GLU B 360 27.52 -24.99 -15.72
CA GLU B 360 28.36 -25.32 -16.88
C GLU B 360 27.98 -24.56 -18.14
N MET B 361 28.84 -23.66 -18.59
CA MET B 361 28.60 -22.92 -19.81
C MET B 361 29.26 -23.65 -20.96
N LEU B 362 28.46 -24.23 -21.85
CA LEU B 362 29.01 -24.98 -22.97
C LEU B 362 29.31 -24.11 -24.18
N TYR B 363 28.42 -23.17 -24.48
CA TYR B 363 28.61 -22.33 -25.64
C TYR B 363 27.99 -20.96 -25.43
N ARG B 364 28.50 -19.97 -26.14
CA ARG B 364 27.96 -18.62 -26.04
C ARG B 364 28.49 -17.68 -27.11
N ASP B 365 27.57 -16.94 -27.73
CA ASP B 365 27.93 -15.95 -28.72
C ASP B 365 27.00 -14.76 -28.53
N GLU B 366 27.19 -13.71 -29.32
CA GLU B 366 26.39 -12.49 -29.19
C GLU B 366 24.88 -12.65 -29.16
N HIS B 367 24.35 -13.83 -29.46
CA HIS B 367 22.91 -14.00 -29.45
C HIS B 367 22.43 -15.34 -28.90
N MET B 368 23.30 -16.08 -28.26
CA MET B 368 22.89 -17.38 -27.73
C MET B 368 23.70 -17.86 -26.54
N LEU B 369 23.04 -18.50 -25.59
CA LEU B 369 23.70 -19.04 -24.41
C LEU B 369 23.24 -20.48 -24.24
N VAL B 370 24.19 -21.39 -24.04
CA VAL B 370 23.86 -22.80 -23.86
C VAL B 370 24.56 -23.36 -22.64
N THR B 371 23.79 -23.87 -21.69
CA THR B 371 24.37 -24.43 -20.49
C THR B 371 23.80 -25.78 -20.09
N ARG B 372 24.46 -26.40 -19.10
CA ARG B 372 24.06 -27.70 -18.59
C ARG B 372 23.84 -27.66 -17.07
N ARG B 373 22.77 -28.28 -16.61
CA ARG B 373 22.45 -28.30 -15.18
C ARG B 373 23.11 -29.48 -14.50
N ASP B 374 22.94 -29.56 -13.18
CA ASP B 374 23.51 -30.64 -12.38
C ASP B 374 23.07 -32.01 -12.85
N ASP B 375 21.77 -32.14 -13.13
CA ASP B 375 21.22 -33.42 -13.57
C ASP B 375 21.72 -33.86 -14.95
N GLY B 376 22.45 -32.99 -15.63
CA GLY B 376 22.97 -33.33 -16.94
C GLY B 376 22.10 -32.83 -18.08
N SER B 377 20.97 -32.22 -17.77
CA SER B 377 20.08 -31.70 -18.81
C SER B 377 20.66 -30.40 -19.36
N VAL B 378 20.26 -30.04 -20.58
CA VAL B 378 20.76 -28.83 -21.21
C VAL B 378 19.67 -27.81 -21.45
N ALA B 379 20.05 -26.54 -21.41
CA ALA B 379 19.11 -25.45 -21.63
C ALA B 379 19.74 -24.46 -22.58
N LEU B 380 18.97 -23.98 -23.54
CA LEU B 380 19.48 -23.01 -24.49
C LEU B 380 18.57 -21.81 -24.59
N ILE B 381 19.17 -20.63 -24.70
CA ILE B 381 18.43 -19.37 -24.84
C ILE B 381 19.03 -18.61 -26.03
N ALA B 382 18.23 -18.40 -27.06
CA ALA B 382 18.66 -17.67 -28.23
C ALA B 382 17.81 -16.41 -28.26
N TRP B 383 18.30 -15.35 -28.87
CA TRP B 383 17.51 -14.13 -28.94
C TRP B 383 17.87 -13.35 -30.19
N ASN B 384 16.86 -12.75 -30.81
CA ASN B 384 17.07 -11.98 -32.04
C ASN B 384 16.43 -10.59 -31.99
N GLU B 385 17.10 -9.65 -31.36
CA GLU B 385 16.59 -8.29 -31.26
C GLU B 385 16.80 -7.60 -32.62
N VAL B 386 15.93 -6.66 -32.93
CA VAL B 386 16.03 -5.92 -34.19
C VAL B 386 16.30 -4.46 -33.85
N MET B 387 17.56 -4.07 -33.93
CA MET B 387 18.00 -2.71 -33.59
C MET B 387 17.57 -1.66 -34.61
N ASP B 388 17.50 -2.08 -35.88
CA ASP B 388 17.15 -1.20 -37.00
C ASP B 388 15.81 -1.62 -37.60
N LYS B 389 15.47 -1.07 -38.76
CA LYS B 389 14.21 -1.40 -39.42
C LYS B 389 14.45 -2.25 -40.68
N THR B 390 14.84 -3.50 -40.47
CA THR B 390 15.13 -4.44 -41.56
C THR B 390 13.85 -5.04 -42.12
N GLU B 391 13.90 -5.48 -43.38
CA GLU B 391 12.74 -6.09 -44.03
C GLU B 391 12.71 -7.58 -43.67
N ASN B 392 13.88 -8.15 -43.40
CA ASN B 392 13.99 -9.55 -43.02
C ASN B 392 14.68 -9.67 -41.67
N PRO B 393 13.90 -9.57 -40.58
CA PRO B 393 14.43 -9.67 -39.22
C PRO B 393 14.76 -11.12 -38.85
N ASP B 394 14.02 -12.05 -39.44
CA ASP B 394 14.20 -13.47 -39.17
C ASP B 394 15.66 -13.92 -39.09
N GLU B 395 15.86 -15.10 -38.49
CA GLU B 395 17.17 -15.69 -38.32
C GLU B 395 16.96 -17.17 -38.03
N ASP B 396 17.52 -18.02 -38.88
CA ASP B 396 17.39 -19.47 -38.71
C ASP B 396 18.59 -20.01 -37.94
N TYR B 397 18.39 -21.11 -37.25
CA TYR B 397 19.47 -21.73 -36.49
C TYR B 397 19.44 -23.23 -36.69
N GLU B 398 20.54 -23.87 -36.30
CA GLU B 398 20.66 -25.31 -36.38
C GLU B 398 21.78 -25.65 -35.41
N VAL B 399 21.39 -25.85 -34.16
CA VAL B 399 22.35 -26.14 -33.10
C VAL B 399 22.45 -27.61 -32.76
N GLU B 400 23.67 -28.11 -32.61
CA GLU B 400 23.89 -29.50 -32.25
C GLU B 400 24.22 -29.55 -30.75
N ILE B 401 23.26 -29.97 -29.95
CA ILE B 401 23.46 -30.03 -28.51
C ILE B 401 23.82 -31.44 -28.05
N PRO B 402 24.93 -31.57 -27.32
CA PRO B 402 25.39 -32.86 -26.80
C PRO B 402 24.48 -33.30 -25.66
N VAL B 403 24.15 -34.58 -25.62
CA VAL B 403 23.26 -35.09 -24.59
C VAL B 403 23.67 -36.47 -24.09
N ARG B 404 23.71 -36.62 -22.77
CA ARG B 404 24.08 -37.88 -22.14
C ARG B 404 22.95 -38.89 -22.22
N PHE B 405 21.87 -38.53 -22.92
CA PHE B 405 20.70 -39.39 -23.07
C PHE B 405 20.46 -39.70 -24.54
N ARG B 406 19.57 -40.65 -24.80
CA ARG B 406 19.21 -41.04 -26.16
C ARG B 406 17.79 -40.59 -26.47
N ASP B 407 16.94 -40.63 -25.45
CA ASP B 407 15.55 -40.20 -25.60
C ASP B 407 15.44 -38.82 -24.93
N VAL B 408 15.15 -37.79 -25.72
CA VAL B 408 15.07 -36.44 -25.19
C VAL B 408 13.72 -35.76 -25.17
N PHE B 409 13.29 -35.30 -24.00
CA PHE B 409 12.04 -34.57 -23.86
C PHE B 409 12.38 -33.10 -24.05
N ILE B 410 11.63 -32.42 -24.90
CA ILE B 410 11.91 -31.01 -25.16
C ILE B 410 10.79 -30.08 -24.74
N LYS B 411 11.17 -29.03 -24.00
CA LYS B 411 10.21 -28.03 -23.57
C LYS B 411 10.69 -26.70 -24.13
N ARG B 412 9.90 -26.13 -25.04
CA ARG B 412 10.26 -24.88 -25.69
C ARG B 412 9.34 -23.75 -25.27
N GLN B 413 9.94 -22.60 -24.96
CA GLN B 413 9.15 -21.45 -24.59
C GLN B 413 9.58 -20.31 -25.51
N LEU B 414 8.62 -19.62 -26.09
CA LEU B 414 8.93 -18.53 -27.01
C LEU B 414 8.29 -17.20 -26.65
N ILE B 415 9.07 -16.14 -26.81
CA ILE B 415 8.63 -14.78 -26.51
C ILE B 415 9.04 -13.89 -27.68
N ASP B 416 8.06 -13.33 -28.38
CA ASP B 416 8.38 -12.45 -29.49
C ASP B 416 7.29 -11.40 -29.63
N GLU B 417 7.13 -10.82 -30.82
CA GLU B 417 6.13 -9.79 -31.04
C GLU B 417 4.70 -10.32 -31.15
N GLU B 418 4.57 -11.63 -31.30
CA GLU B 418 3.27 -12.27 -31.43
C GLU B 418 2.90 -13.08 -30.20
N HIS B 419 3.88 -13.35 -29.35
CA HIS B 419 3.66 -14.14 -28.15
C HIS B 419 4.23 -13.44 -26.92
N GLY B 420 3.42 -13.32 -25.87
CA GLY B 420 3.87 -12.67 -24.65
C GLY B 420 4.05 -11.18 -24.88
N ASN B 421 3.25 -10.63 -25.79
CA ASN B 421 3.34 -9.22 -26.10
C ASN B 421 2.11 -8.43 -25.67
N PRO B 422 1.84 -8.37 -24.36
CA PRO B 422 0.67 -7.63 -23.89
C PRO B 422 0.58 -6.24 -24.53
N TRP B 423 1.72 -5.55 -24.62
CA TRP B 423 1.76 -4.23 -25.25
C TRP B 423 1.09 -4.25 -26.63
N GLY B 424 1.38 -5.29 -27.41
CA GLY B 424 0.78 -5.40 -28.73
C GLY B 424 -0.74 -5.49 -28.65
N THR B 425 -1.26 -6.30 -27.73
CA THR B 425 -2.70 -6.46 -27.54
C THR B 425 -3.29 -5.17 -27.00
N TRP B 426 -2.55 -4.50 -26.14
CA TRP B 426 -2.99 -3.24 -25.58
C TRP B 426 -3.31 -2.33 -26.75
N ILE B 427 -2.46 -2.35 -27.77
CA ILE B 427 -2.67 -1.54 -28.96
C ILE B 427 -3.93 -2.02 -29.65
N HIS B 428 -4.06 -3.34 -29.81
CA HIS B 428 -5.25 -3.91 -30.44
C HIS B 428 -6.50 -3.33 -29.78
N MET B 429 -6.50 -3.28 -28.45
CA MET B 429 -7.65 -2.77 -27.69
C MET B 429 -7.88 -1.28 -27.88
N GLY B 430 -6.90 -0.59 -28.45
CA GLY B 430 -7.03 0.84 -28.66
C GLY B 430 -6.35 1.64 -27.57
N ARG B 431 -5.25 1.09 -27.07
CA ARG B 431 -4.47 1.72 -26.02
C ARG B 431 -5.28 2.30 -24.87
N PRO B 432 -6.12 1.49 -24.24
CA PRO B 432 -6.91 2.04 -23.13
C PRO B 432 -6.00 2.51 -21.99
N ARG B 433 -6.26 3.72 -21.50
CA ARG B 433 -5.48 4.27 -20.39
C ARG B 433 -5.85 3.61 -19.08
N TYR B 434 -7.13 3.30 -18.94
CA TYR B 434 -7.66 2.68 -17.74
C TYR B 434 -8.50 1.48 -18.13
N PRO B 435 -7.85 0.42 -18.60
CA PRO B 435 -8.56 -0.79 -19.02
C PRO B 435 -9.53 -1.30 -17.97
N SER B 436 -10.51 -2.08 -18.42
CA SER B 436 -11.51 -2.65 -17.53
C SER B 436 -10.98 -3.97 -17.02
N LYS B 437 -11.64 -4.50 -15.99
CA LYS B 437 -11.24 -5.77 -15.41
C LYS B 437 -11.03 -6.85 -16.46
N GLU B 438 -11.85 -6.88 -17.50
CA GLU B 438 -11.68 -7.92 -18.51
C GLU B 438 -10.55 -7.61 -19.46
N GLN B 439 -10.30 -6.34 -19.74
CA GLN B 439 -9.20 -6.00 -20.63
C GLN B 439 -7.93 -6.42 -19.90
N VAL B 440 -7.88 -6.14 -18.61
CA VAL B 440 -6.74 -6.53 -17.80
C VAL B 440 -6.58 -8.04 -17.83
N ASN B 441 -7.68 -8.77 -17.76
CA ASN B 441 -7.61 -10.22 -17.78
C ASN B 441 -7.09 -10.74 -19.12
N THR B 442 -7.57 -10.18 -20.22
CA THR B 442 -7.10 -10.61 -21.53
C THR B 442 -5.60 -10.39 -21.61
N LEU B 443 -5.16 -9.22 -21.16
CA LEU B 443 -3.75 -8.92 -21.15
C LEU B 443 -2.98 -9.97 -20.36
N ARG B 444 -3.42 -10.27 -19.15
CA ARG B 444 -2.75 -11.27 -18.32
C ARG B 444 -2.67 -12.62 -19.03
N GLU B 445 -3.71 -12.93 -19.80
CA GLU B 445 -3.79 -14.17 -20.53
C GLU B 445 -2.80 -14.18 -21.69
N VAL B 446 -2.63 -13.02 -22.32
CA VAL B 446 -1.70 -12.87 -23.44
C VAL B 446 -0.24 -12.81 -22.95
N ALA B 447 -0.06 -12.19 -21.78
CA ALA B 447 1.26 -12.00 -21.18
C ALA B 447 1.90 -13.29 -20.64
N LYS B 448 1.95 -14.33 -21.46
CA LYS B 448 2.58 -15.57 -21.08
C LYS B 448 3.32 -16.04 -22.32
N PRO B 449 4.49 -16.68 -22.14
CA PRO B 449 5.21 -17.15 -23.33
C PRO B 449 4.52 -18.34 -23.95
N GLU B 450 4.82 -18.62 -25.22
CA GLU B 450 4.25 -19.78 -25.91
C GLU B 450 5.08 -21.00 -25.54
N ILE B 451 4.41 -22.09 -25.20
CA ILE B 451 5.13 -23.30 -24.83
C ILE B 451 4.84 -24.45 -25.79
N MET B 452 5.90 -25.13 -26.20
CA MET B 452 5.73 -26.27 -27.10
C MET B 452 6.58 -27.41 -26.59
N THR B 453 5.96 -28.57 -26.42
CA THR B 453 6.72 -29.72 -26.00
C THR B 453 6.88 -30.55 -27.25
N SER B 454 7.78 -31.52 -27.19
CA SER B 454 8.04 -32.40 -28.32
C SER B 454 8.91 -33.52 -27.77
N GLN B 455 9.30 -34.43 -28.65
CA GLN B 455 10.12 -35.53 -28.21
C GLN B 455 10.91 -36.22 -29.30
N PRO B 456 12.21 -35.91 -29.39
CA PRO B 456 13.10 -36.51 -30.40
C PRO B 456 14.14 -37.44 -29.76
N VAL B 457 14.99 -38.03 -30.59
CA VAL B 457 16.03 -38.93 -30.10
C VAL B 457 17.39 -38.40 -30.51
N ALA B 458 18.33 -38.43 -29.59
CA ALA B 458 19.68 -37.96 -29.85
C ALA B 458 20.52 -39.10 -30.40
N ASN B 459 21.07 -38.89 -31.59
CA ASN B 459 21.91 -39.90 -32.22
C ASN B 459 23.36 -39.49 -32.18
N ASP B 460 24.22 -40.43 -31.84
CA ASP B 460 25.64 -40.17 -31.75
C ASP B 460 25.94 -39.20 -30.61
N GLY B 461 25.01 -39.12 -29.65
CA GLY B 461 25.18 -38.27 -28.50
C GLY B 461 24.72 -36.82 -28.65
N TYR B 462 24.34 -36.43 -29.87
CA TYR B 462 23.89 -35.06 -30.12
C TYR B 462 22.47 -34.99 -30.63
N LEU B 463 21.76 -33.95 -30.20
CA LEU B 463 20.39 -33.74 -30.66
C LEU B 463 20.50 -32.50 -31.52
N ASN B 464 19.90 -32.56 -32.71
CA ASN B 464 19.96 -31.43 -33.62
C ASN B 464 18.69 -30.60 -33.57
N LEU B 465 18.82 -29.33 -33.18
CA LEU B 465 17.69 -28.42 -33.10
C LEU B 465 17.68 -27.44 -34.25
N LYS B 466 16.53 -27.32 -34.92
CA LYS B 466 16.37 -26.39 -36.03
C LYS B 466 15.24 -25.45 -35.63
N PHE B 467 15.42 -24.15 -35.80
CA PHE B 467 14.37 -23.22 -35.43
C PHE B 467 14.57 -21.81 -35.96
N LYS B 468 13.48 -21.06 -36.08
CA LYS B 468 13.52 -19.70 -36.59
C LYS B 468 13.12 -18.68 -35.52
N LEU B 469 13.89 -17.59 -35.44
CA LEU B 469 13.61 -16.54 -34.48
C LEU B 469 13.00 -15.36 -35.21
N GLY B 470 11.77 -15.01 -34.86
CA GLY B 470 11.12 -13.88 -35.47
C GLY B 470 11.73 -12.58 -34.96
N LYS B 471 11.09 -11.47 -35.27
CA LYS B 471 11.55 -10.16 -34.83
C LYS B 471 11.58 -10.06 -33.30
N ASN B 472 12.71 -9.63 -32.75
CA ASN B 472 12.85 -9.49 -31.30
C ASN B 472 12.45 -10.74 -30.50
N ALA B 473 12.48 -11.89 -31.15
CA ALA B 473 12.12 -13.12 -30.46
C ALA B 473 13.18 -13.51 -29.44
N VAL B 474 12.78 -14.37 -28.50
CA VAL B 474 13.65 -14.90 -27.47
C VAL B 474 13.08 -16.28 -27.15
N VAL B 475 13.89 -17.32 -27.31
CA VAL B 475 13.42 -18.66 -27.07
C VAL B 475 14.29 -19.40 -26.07
N LEU B 476 13.70 -20.36 -25.38
CA LEU B 476 14.38 -21.17 -24.38
C LEU B 476 14.04 -22.63 -24.63
N TYR B 477 15.07 -23.48 -24.67
CA TYR B 477 14.86 -24.90 -24.87
C TYR B 477 15.44 -25.65 -23.70
N GLU B 478 14.67 -26.53 -23.09
CA GLU B 478 15.19 -27.31 -21.98
C GLU B 478 15.10 -28.75 -22.45
N LEU B 479 16.25 -29.42 -22.58
CA LEU B 479 16.30 -30.80 -23.02
C LEU B 479 16.61 -31.71 -21.85
N THR B 480 15.63 -32.50 -21.44
CA THR B 480 15.83 -33.39 -20.31
C THR B 480 15.74 -34.83 -20.78
N GLU B 481 16.09 -35.77 -19.91
CA GLU B 481 16.02 -37.16 -20.29
C GLU B 481 14.61 -37.71 -20.21
N ARG B 482 14.18 -38.29 -21.31
CA ARG B 482 12.85 -38.88 -21.41
C ARG B 482 12.94 -40.35 -21.08
N ILE B 483 12.23 -40.74 -20.04
CA ILE B 483 12.19 -42.13 -19.62
C ILE B 483 10.76 -42.61 -19.87
N ASP B 484 10.56 -43.25 -21.01
CA ASP B 484 9.26 -43.74 -21.44
C ASP B 484 8.71 -44.89 -20.60
N GLU B 485 7.47 -44.74 -20.14
CA GLU B 485 6.80 -45.75 -19.31
C GLU B 485 5.61 -46.37 -20.05
N SER B 486 5.50 -46.04 -21.33
CA SER B 486 4.42 -46.54 -22.18
C SER B 486 4.21 -48.05 -22.18
N SER B 487 5.29 -48.82 -22.12
CA SER B 487 5.14 -50.26 -22.14
C SER B 487 4.42 -50.81 -20.91
N THR B 488 4.16 -49.94 -19.94
CA THR B 488 3.49 -50.38 -18.72
C THR B 488 1.98 -50.35 -18.84
N TYR B 489 1.47 -49.69 -19.89
CA TYR B 489 0.05 -49.60 -20.09
C TYR B 489 -0.46 -50.75 -20.97
N ILE B 490 -0.85 -51.84 -20.32
CA ILE B 490 -1.35 -53.02 -21.00
C ILE B 490 -2.42 -52.68 -22.03
N GLY B 491 -2.15 -53.00 -23.30
CA GLY B 491 -3.11 -52.71 -24.35
C GLY B 491 -3.11 -51.29 -24.87
N LEU B 492 -2.18 -50.47 -24.40
CA LEU B 492 -2.11 -49.06 -24.85
C LEU B 492 -2.02 -48.97 -26.37
N ASP B 493 -2.95 -48.23 -26.97
CA ASP B 493 -2.94 -48.05 -28.42
C ASP B 493 -3.84 -46.90 -28.82
N ASP B 494 -3.26 -45.70 -28.91
CA ASP B 494 -4.01 -44.50 -29.27
C ASP B 494 -4.77 -44.60 -30.59
N SER B 495 -4.32 -45.48 -31.47
CA SER B 495 -4.98 -45.63 -32.77
C SER B 495 -6.36 -46.25 -32.61
N LYS B 496 -6.70 -46.66 -31.38
CA LYS B 496 -8.01 -47.23 -31.12
C LYS B 496 -9.01 -46.19 -30.63
N ILE B 497 -8.64 -44.92 -30.79
CA ILE B 497 -9.48 -43.80 -30.40
C ILE B 497 -9.91 -43.10 -31.70
N ASN B 498 -11.19 -42.77 -31.80
CA ASN B 498 -11.73 -42.11 -32.98
C ASN B 498 -10.84 -41.03 -33.59
N GLY B 499 -10.28 -41.30 -34.75
CA GLY B 499 -9.46 -40.33 -35.42
C GLY B 499 -7.95 -40.37 -35.17
N TYR B 500 -7.53 -41.12 -34.16
CA TYR B 500 -6.10 -41.20 -33.86
C TYR B 500 -5.48 -42.50 -34.39
O1 XYP C . -12.96 18.00 11.82
C1 XYP C . -12.15 16.88 11.83
C2 XYP C . -11.40 16.76 10.49
C3 XYP C . -10.46 15.55 10.54
C4 XYP C . -9.55 15.64 11.79
C5 XYP C . -10.39 15.84 13.04
O2 XYP C . -12.34 16.58 9.43
O3 XYP C . -9.67 15.54 9.36
O4 XYP C . -8.78 14.45 11.91
O5 XYP C . -11.22 17.01 12.91
O1 XYP D . 20.03 7.71 -13.05
C1 XYP D . 18.76 7.17 -12.98
C2 XYP D . 18.09 7.55 -11.66
C3 XYP D . 16.66 7.01 -11.64
C4 XYP D . 15.90 7.44 -12.91
C5 XYP D . 16.70 7.06 -14.16
O2 XYP D . 18.82 7.01 -10.57
O3 XYP D . 15.99 7.50 -10.49
O4 XYP D . 14.63 6.80 -12.95
O5 XYP D . 18.01 7.65 -14.09
#